data_6KCL
#
_entry.id   6KCL
#
_cell.length_a   99.323
_cell.length_b   136.440
_cell.length_c   137.699
_cell.angle_alpha   90.000
_cell.angle_beta   90.000
_cell.angle_gamma   90.000
#
_symmetry.space_group_name_H-M   'P 21 21 21'
#
loop_
_entity.id
_entity.type
_entity.pdbx_description
1 polymer '7,8-dihydro-6-hydroxymethylpterin pyrophosphokinase-dihydropteroate synthase'
2 non-polymer PTERINE
3 non-polymer 'P-HYDROXYBENZOIC ACID'
4 non-polymer "ADENOSINE-5'-TRIPHOSPHATE"
5 non-polymer GLYCEROL
6 non-polymer 'MAGNESIUM ION'
7 non-polymer 'CALCIUM ION'
8 non-polymer 'ACETATE ION'
9 water water
#
_entity_poly.entity_id   1
_entity_poly.type   'polypeptide(L)'
_entity_poly.pdbx_seq_one_letter_code
;METIQELILSEENKTNIAVLNLGTNDRRNAVLILETALHLVEKYLGKIINTSYLYETVPEYIVLDKKESCEKINKDCRIY
DVNYINELMQNLEESKYEENKELIDKCEEYETFLKNGKVDNSILKEVNVENYLLECNNIIVKNDEIMKNNLSKYKDKYYT
SYFYNLTVVVKTFVNDPLSMLVVIKYIEELMKRENVKEKEKFENRIIDIDILFFNDFTIFMKNIKLEKNMIYKILSKYIH
LERDIKNGNDNMSKVNMDKDINLNNNNNIKKKNNNDIDCDCVDQKMNNHVNNKNYINSFRDPQEIINNMVDNIEFLSIPH
VYTTHRYSILLCLNDMIPEYKHNVLNNTIRCLYNKYVSRMKEQYNINIKENNKRIYVLKDRISYLKEKTNIVGILNVNYD
SFSDGGIFVEPKRAVQRMFEMINEGASVIDIGGESSGPFVIPNPKISERDLVVPVLQLFQKEWNDIKNKIVKCDAKPIIS
IDTINYNVFKECVDNDLVDILNDISACTNNPEIIKLLKKKNKFYSVVLMHKRGNPHTMDELTNYDNLVYDIKNYLEQRLN
FLVLNGIPRYRILFDIGLGFAKKHDQSIKLLQNIHVYDEYPLFIGYSRKRFIAHCMNDQNVVINTQQKLHDEQQNENKNI
VDKSHNWMFQMNYMRKDKDQLLYQKNICGGLAIASYSYYKKVDLIRVHDVLETKSVLDVLTKIDQVKDPNSSSVDKLAAA
LEHHHHHH
;
_entity_poly.pdbx_strand_id   A,B
#
loop_
_chem_comp.id
_chem_comp.type
_chem_comp.name
_chem_comp.formula
ACT non-polymer 'ACETATE ION' 'C2 H3 O2 -1'
ATP non-polymer ADENOSINE-5'-TRIPHOSPHATE 'C10 H16 N5 O13 P3'
CA non-polymer 'CALCIUM ION' 'Ca 2'
GOL non-polymer GLYCEROL 'C3 H8 O3'
MG non-polymer 'MAGNESIUM ION' 'Mg 2'
PE0 non-polymer PTERINE 'C6 H5 N5 O'
PHB non-polymer 'P-HYDROXYBENZOIC ACID' 'C7 H6 O3'
#
# COMPACT_ATOMS: atom_id res chain seq x y z
N GLN A 5 -58.78 -15.44 -26.36
CA GLN A 5 -57.72 -15.12 -25.35
C GLN A 5 -57.07 -16.41 -24.83
N GLU A 6 -56.83 -17.38 -25.73
CA GLU A 6 -56.41 -18.74 -25.32
C GLU A 6 -55.37 -19.47 -26.21
N LEU A 7 -54.62 -18.75 -27.04
CA LEU A 7 -53.41 -19.33 -27.66
C LEU A 7 -52.26 -19.25 -26.65
N ILE A 8 -52.44 -18.38 -25.66
CA ILE A 8 -51.54 -18.24 -24.54
C ILE A 8 -51.37 -19.57 -23.80
N LEU A 9 -52.42 -20.39 -23.82
CA LEU A 9 -52.44 -21.68 -23.14
C LEU A 9 -52.14 -22.87 -24.07
N SER A 10 -51.68 -22.62 -25.30
CA SER A 10 -51.41 -23.70 -26.26
C SER A 10 -50.45 -24.75 -25.68
N GLU A 11 -50.80 -26.02 -25.85
CA GLU A 11 -50.10 -27.13 -25.17
C GLU A 11 -48.62 -27.28 -25.56
N GLU A 12 -48.19 -26.53 -26.57
CA GLU A 12 -46.81 -26.59 -27.10
C GLU A 12 -45.75 -26.43 -25.99
N ASN A 13 -45.06 -27.54 -25.70
CA ASN A 13 -43.91 -27.54 -24.78
C ASN A 13 -42.80 -26.63 -25.31
N LYS A 14 -42.43 -25.63 -24.51
CA LYS A 14 -41.54 -24.56 -24.99
C LYS A 14 -40.36 -24.32 -24.06
N THR A 15 -39.28 -23.80 -24.63
CA THR A 15 -38.13 -23.40 -23.81
C THR A 15 -37.67 -22.02 -24.21
N ASN A 16 -37.91 -21.08 -23.32
CA ASN A 16 -37.51 -19.71 -23.54
C ASN A 16 -36.43 -19.26 -22.58
N ILE A 17 -35.77 -18.16 -22.94
CA ILE A 17 -34.81 -17.51 -22.08
C ILE A 17 -35.40 -16.19 -21.58
N ALA A 18 -35.43 -16.03 -20.27
CA ALA A 18 -35.89 -14.79 -19.68
C ALA A 18 -34.84 -14.22 -18.75
N VAL A 19 -34.77 -12.90 -18.70
CA VAL A 19 -33.86 -12.20 -17.82
C VAL A 19 -34.75 -11.42 -16.85
N LEU A 20 -34.48 -11.57 -15.55
CA LEU A 20 -35.32 -11.00 -14.52
C LEU A 20 -34.52 -10.06 -13.63
N ASN A 21 -35.17 -9.04 -13.09
CA ASN A 21 -34.55 -8.23 -12.06
C ASN A 21 -35.29 -8.48 -10.77
N LEU A 22 -34.54 -8.66 -9.68
CA LEU A 22 -35.12 -8.87 -8.35
C LEU A 22 -34.61 -7.77 -7.41
N GLY A 23 -35.53 -7.08 -6.74
CA GLY A 23 -35.17 -5.97 -5.85
C GLY A 23 -35.91 -5.99 -4.54
N THR A 24 -35.26 -5.49 -3.49
CA THR A 24 -35.89 -5.29 -2.20
C THR A 24 -35.29 -4.10 -1.49
N ASN A 25 -36.06 -3.49 -0.60
CA ASN A 25 -35.57 -2.34 0.17
C ASN A 25 -35.15 -2.70 1.60
N ASP A 26 -35.44 -3.93 2.01
CA ASP A 26 -35.05 -4.40 3.32
C ASP A 26 -33.58 -4.81 3.35
N ARG A 27 -32.77 -4.10 4.14
CA ARG A 27 -31.34 -4.42 4.24
C ARG A 27 -31.06 -5.64 5.11
N ARG A 28 -31.65 -5.65 6.30
CA ARG A 28 -31.41 -6.73 7.24
C ARG A 28 -31.87 -8.09 6.66
N ASN A 29 -32.83 -8.05 5.74
CA ASN A 29 -33.39 -9.28 5.18
C ASN A 29 -33.23 -9.49 3.67
N ALA A 30 -32.40 -8.66 3.04
CA ALA A 30 -32.13 -8.74 1.60
C ALA A 30 -31.87 -10.18 1.14
N VAL A 31 -30.89 -10.82 1.75
CA VAL A 31 -30.45 -12.14 1.33
C VAL A 31 -31.60 -13.11 1.38
N LEU A 32 -32.28 -13.13 2.54
CA LEU A 32 -33.33 -14.10 2.79
C LEU A 32 -34.44 -13.92 1.77
N ILE A 33 -34.82 -12.66 1.55
CA ILE A 33 -35.89 -12.34 0.63
C ILE A 33 -35.51 -12.75 -0.80
N LEU A 34 -34.42 -12.19 -1.32
CA LEU A 34 -33.99 -12.41 -2.69
C LEU A 34 -33.75 -13.89 -2.97
N GLU A 35 -33.22 -14.60 -1.99
CA GLU A 35 -33.00 -16.03 -2.20
C GLU A 35 -34.31 -16.82 -2.22
N THR A 36 -35.33 -16.30 -1.52
CA THR A 36 -36.67 -16.91 -1.49
C THR A 36 -37.28 -16.70 -2.87
N ALA A 37 -37.11 -15.49 -3.40
CA ALA A 37 -37.54 -15.23 -4.76
C ALA A 37 -36.83 -16.19 -5.70
N LEU A 38 -35.53 -16.37 -5.51
CA LEU A 38 -34.76 -17.30 -6.37
C LEU A 38 -35.31 -18.73 -6.29
N HIS A 39 -35.75 -19.17 -5.10
CA HIS A 39 -36.26 -20.54 -4.94
C HIS A 39 -37.52 -20.68 -5.71
N LEU A 40 -38.36 -19.64 -5.64
CA LEU A 40 -39.67 -19.66 -6.28
C LEU A 40 -39.54 -19.53 -7.79
N VAL A 41 -38.54 -18.76 -8.21
CA VAL A 41 -38.16 -18.73 -9.62
C VAL A 41 -37.78 -20.13 -10.07
N GLU A 42 -36.89 -20.82 -9.35
CA GLU A 42 -36.47 -22.21 -9.73
C GLU A 42 -37.62 -23.18 -9.76
N LYS A 43 -38.57 -22.96 -8.85
CA LYS A 43 -39.67 -23.88 -8.67
C LYS A 43 -40.76 -23.63 -9.68
N TYR A 44 -41.09 -22.37 -9.92
CA TYR A 44 -42.28 -22.04 -10.71
C TYR A 44 -42.01 -21.65 -12.17
N LEU A 45 -40.80 -21.22 -12.49
CA LEU A 45 -40.56 -20.63 -13.81
C LEU A 45 -39.67 -21.42 -14.73
N GLY A 46 -38.75 -22.19 -14.17
CA GLY A 46 -37.76 -22.91 -14.97
C GLY A 46 -36.45 -23.12 -14.23
N LYS A 47 -35.34 -22.96 -14.95
CA LYS A 47 -34.02 -23.22 -14.42
C LYS A 47 -33.22 -21.94 -14.38
N ILE A 48 -32.64 -21.64 -13.23
CA ILE A 48 -31.71 -20.51 -13.13
C ILE A 48 -30.37 -20.92 -13.73
N ILE A 49 -29.91 -20.20 -14.74
CA ILE A 49 -28.65 -20.51 -15.43
C ILE A 49 -27.67 -19.33 -15.45
N ASN A 50 -28.04 -18.23 -14.82
CA ASN A 50 -27.10 -17.17 -14.59
C ASN A 50 -27.63 -16.25 -13.49
N THR A 51 -26.73 -15.59 -12.77
CA THR A 51 -27.09 -14.61 -11.78
C THR A 51 -25.96 -13.58 -11.76
N SER A 52 -26.27 -12.36 -11.30
CA SER A 52 -25.26 -11.33 -11.15
C SER A 52 -24.82 -11.37 -9.71
N TYR A 53 -23.84 -10.55 -9.35
CA TYR A 53 -23.65 -10.24 -7.96
C TYR A 53 -24.90 -9.56 -7.42
N LEU A 54 -24.97 -9.48 -6.09
CA LEU A 54 -26.02 -8.78 -5.41
C LEU A 54 -25.43 -7.38 -5.18
N TYR A 55 -26.21 -6.33 -5.43
CA TYR A 55 -25.69 -4.96 -5.21
C TYR A 55 -26.51 -4.15 -4.23
N GLU A 56 -25.83 -3.30 -3.48
CA GLU A 56 -26.51 -2.27 -2.74
C GLU A 56 -26.43 -1.00 -3.57
N THR A 57 -27.60 -0.42 -3.89
CA THR A 57 -27.67 0.81 -4.73
C THR A 57 -28.27 2.04 -4.06
N VAL A 58 -28.04 3.20 -4.69
CA VAL A 58 -28.58 4.50 -4.28
C VAL A 58 -28.97 5.24 -5.57
N PRO A 59 -30.28 5.38 -5.84
CA PRO A 59 -30.81 5.93 -7.10
C PRO A 59 -30.26 7.32 -7.47
N VAL A 82 -40.85 -11.50 8.59
CA VAL A 82 -39.66 -12.32 8.34
C VAL A 82 -39.89 -13.78 8.71
N ASN A 83 -40.72 -14.00 9.74
CA ASN A 83 -40.98 -15.33 10.25
C ASN A 83 -41.86 -16.16 9.32
N TYR A 84 -42.73 -15.48 8.58
CA TYR A 84 -43.71 -16.15 7.73
C TYR A 84 -43.15 -16.78 6.47
N ILE A 85 -41.97 -16.32 6.05
CA ILE A 85 -41.28 -16.89 4.87
C ILE A 85 -40.98 -18.37 5.08
N ASN A 86 -40.53 -18.71 6.28
CA ASN A 86 -40.31 -20.10 6.65
C ASN A 86 -41.58 -20.93 6.58
N GLU A 87 -42.68 -20.35 7.06
CA GLU A 87 -44.00 -20.99 6.99
C GLU A 87 -44.49 -21.11 5.55
N LEU A 88 -44.41 -20.00 4.81
CA LEU A 88 -44.66 -19.97 3.38
C LEU A 88 -44.02 -21.15 2.66
N MET A 89 -42.78 -21.46 3.03
CA MET A 89 -42.01 -22.50 2.38
C MET A 89 -42.58 -23.89 2.58
N GLN A 90 -43.24 -24.11 3.71
CA GLN A 90 -43.88 -25.39 4.02
C GLN A 90 -45.25 -25.55 3.33
N ASN A 91 -45.81 -24.43 2.87
CA ASN A 91 -47.15 -24.41 2.28
C ASN A 91 -47.18 -23.87 0.86
N LEU A 92 -46.34 -24.45 0.00
CA LEU A 92 -46.27 -24.03 -1.39
C LEU A 92 -46.95 -25.07 -2.27
N GLU A 93 -47.80 -24.61 -3.18
CA GLU A 93 -48.36 -25.50 -4.16
C GLU A 93 -47.26 -26.03 -5.07
N GLU A 94 -47.38 -27.30 -5.46
CA GLU A 94 -46.42 -27.91 -6.34
C GLU A 94 -46.54 -27.31 -7.74
N SER A 95 -45.40 -27.16 -8.41
CA SER A 95 -45.38 -26.81 -9.83
C SER A 95 -45.86 -28.02 -10.58
N LYS A 96 -46.29 -27.80 -11.82
CA LYS A 96 -46.67 -28.90 -12.70
C LYS A 96 -45.48 -29.31 -13.54
N TYR A 97 -44.39 -28.58 -13.40
CA TYR A 97 -43.20 -28.86 -14.19
C TYR A 97 -42.09 -29.45 -13.33
N GLU A 98 -41.37 -30.38 -13.93
CA GLU A 98 -40.30 -31.14 -13.31
C GLU A 98 -39.18 -30.27 -12.80
N GLU A 99 -38.70 -30.56 -11.60
CA GLU A 99 -37.37 -30.11 -11.23
C GLU A 99 -36.32 -31.15 -11.69
N ASN A 100 -35.17 -30.67 -12.18
CA ASN A 100 -34.09 -31.55 -12.56
C ASN A 100 -32.81 -30.97 -12.09
N LYS A 101 -32.14 -31.64 -11.16
CA LYS A 101 -30.92 -31.10 -10.61
C LYS A 101 -29.67 -31.59 -11.34
N GLU A 102 -29.79 -32.50 -12.31
CA GLU A 102 -28.61 -32.97 -13.03
C GLU A 102 -27.73 -31.83 -13.50
N LEU A 103 -26.43 -32.05 -13.51
CA LEU A 103 -25.51 -31.05 -13.94
C LEU A 103 -25.55 -30.93 -15.45
N ILE A 104 -25.39 -29.71 -15.96
CA ILE A 104 -25.37 -29.47 -17.39
C ILE A 104 -24.11 -28.70 -17.72
N ASP A 105 -23.63 -28.82 -18.96
CA ASP A 105 -22.36 -28.20 -19.36
C ASP A 105 -22.60 -27.11 -20.40
N LYS A 106 -23.76 -27.18 -21.04
CA LYS A 106 -24.15 -26.24 -22.08
C LYS A 106 -25.63 -26.00 -22.05
N CYS A 107 -26.05 -24.85 -22.58
CA CYS A 107 -27.46 -24.60 -22.80
C CYS A 107 -27.64 -23.93 -24.14
N GLU A 108 -28.07 -24.72 -25.13
CA GLU A 108 -28.25 -24.25 -26.51
C GLU A 108 -29.17 -23.03 -26.61
N GLU A 109 -30.29 -23.06 -25.91
CA GLU A 109 -31.19 -21.92 -25.91
C GLU A 109 -30.50 -20.65 -25.43
N TYR A 110 -29.65 -20.78 -24.40
CA TYR A 110 -28.91 -19.67 -23.83
C TYR A 110 -27.90 -19.12 -24.81
N GLU A 111 -27.23 -20.01 -25.54
CA GLU A 111 -26.33 -19.60 -26.62
C GLU A 111 -27.03 -18.79 -27.70
N THR A 112 -28.13 -19.33 -28.21
CA THR A 112 -29.00 -18.64 -29.16
C THR A 112 -29.40 -17.24 -28.67
N PHE A 113 -29.90 -17.16 -27.44
CA PHE A 113 -30.24 -15.88 -26.82
C PHE A 113 -29.08 -14.91 -26.86
N LEU A 114 -27.87 -15.40 -26.59
CA LEU A 114 -26.70 -14.51 -26.49
C LEU A 114 -26.26 -13.93 -27.83
N LYS A 115 -26.33 -14.73 -28.88
CA LYS A 115 -25.96 -14.27 -30.23
C LYS A 115 -27.16 -13.74 -31.00
N ASN A 116 -28.19 -13.31 -30.27
CA ASN A 116 -29.46 -12.83 -30.81
C ASN A 116 -30.13 -13.66 -31.88
N GLY A 117 -29.90 -14.97 -31.86
CA GLY A 117 -30.58 -15.90 -32.75
C GLY A 117 -32.08 -15.91 -32.47
N LYS A 118 -32.84 -16.39 -33.44
CA LYS A 118 -34.29 -16.45 -33.28
C LYS A 118 -34.68 -17.83 -32.79
N VAL A 119 -35.37 -17.85 -31.65
CA VAL A 119 -36.06 -19.03 -31.14
C VAL A 119 -37.39 -19.14 -31.89
N ASP A 120 -38.41 -19.74 -31.24
CA ASP A 120 -39.76 -19.70 -31.80
C ASP A 120 -40.26 -18.26 -31.83
N ASN A 121 -41.18 -18.00 -32.76
CA ASN A 121 -41.83 -16.70 -32.90
C ASN A 121 -42.72 -16.32 -31.70
N SER A 122 -42.80 -15.03 -31.44
CA SER A 122 -43.56 -14.50 -30.32
C SER A 122 -45.07 -14.74 -30.48
N ILE A 123 -45.75 -15.11 -29.40
CA ILE A 123 -47.22 -15.23 -29.49
C ILE A 123 -47.87 -13.90 -29.13
N LEU A 124 -47.16 -13.08 -28.37
CA LEU A 124 -47.55 -11.70 -28.17
C LEU A 124 -47.08 -10.87 -29.35
N LYS A 125 -47.89 -9.90 -29.75
CA LYS A 125 -47.60 -9.05 -30.89
C LYS A 125 -46.42 -8.14 -30.58
N GLU A 126 -45.43 -8.19 -31.46
CA GLU A 126 -44.28 -7.32 -31.38
C GLU A 126 -44.53 -5.95 -31.98
N VAL A 127 -43.60 -5.06 -31.67
CA VAL A 127 -43.61 -3.70 -32.11
C VAL A 127 -42.22 -3.50 -32.69
N ASN A 128 -42.04 -2.54 -33.58
CA ASN A 128 -40.69 -2.27 -34.10
C ASN A 128 -39.91 -1.27 -33.23
N VAL A 129 -38.61 -1.13 -33.50
CA VAL A 129 -37.72 -0.34 -32.65
C VAL A 129 -38.20 1.11 -32.42
N GLU A 130 -38.62 1.77 -33.51
CA GLU A 130 -39.13 3.14 -33.46
C GLU A 130 -40.27 3.26 -32.47
N ASN A 131 -41.29 2.43 -32.67
CA ASN A 131 -42.49 2.43 -31.83
C ASN A 131 -42.17 2.08 -30.40
N TYR A 132 -41.22 1.15 -30.23
CA TYR A 132 -40.79 0.72 -28.92
C TYR A 132 -40.20 1.91 -28.18
N LEU A 133 -39.24 2.57 -28.84
CA LEU A 133 -38.53 3.68 -28.21
C LEU A 133 -39.46 4.83 -27.86
N LEU A 134 -40.33 5.18 -28.80
CA LEU A 134 -41.30 6.24 -28.60
C LEU A 134 -42.17 5.96 -27.40
N GLU A 135 -42.69 4.72 -27.32
CA GLU A 135 -43.56 4.31 -26.23
C GLU A 135 -42.85 4.30 -24.89
N CYS A 136 -41.54 4.03 -24.93
CA CYS A 136 -40.71 4.01 -23.74
C CYS A 136 -40.50 5.40 -23.16
N ASN A 137 -40.10 6.32 -24.03
CA ASN A 137 -39.88 7.70 -23.62
C ASN A 137 -41.11 8.31 -22.96
N ASN A 138 -42.28 8.15 -23.57
CA ASN A 138 -43.53 8.60 -22.95
C ASN A 138 -43.63 8.16 -21.49
N ILE A 139 -43.48 6.85 -21.25
CA ILE A 139 -43.55 6.32 -19.88
C ILE A 139 -42.52 6.97 -18.97
N ILE A 140 -41.29 7.16 -19.46
CA ILE A 140 -40.22 7.75 -18.64
C ILE A 140 -40.47 9.22 -18.35
N VAL A 141 -41.05 9.93 -19.31
CA VAL A 141 -41.44 11.33 -19.14
C VAL A 141 -42.59 11.44 -18.12
N LYS A 142 -43.69 10.74 -18.39
CA LYS A 142 -44.79 10.60 -17.42
C LYS A 142 -44.32 10.23 -16.00
N ASN A 143 -43.06 9.81 -15.89
CA ASN A 143 -42.48 9.39 -14.62
C ASN A 143 -41.56 10.43 -13.97
N ASP A 144 -40.73 11.10 -14.78
CA ASP A 144 -39.95 12.25 -14.31
C ASP A 144 -40.89 13.36 -13.80
N GLU A 145 -42.15 13.30 -14.25
CA GLU A 145 -43.21 14.19 -13.81
C GLU A 145 -43.52 13.98 -12.32
N ILE A 146 -44.10 12.83 -11.99
CA ILE A 146 -44.49 12.48 -10.62
C ILE A 146 -43.32 12.66 -9.63
N SER A 161 -34.67 4.12 1.44
CA SER A 161 -34.02 4.44 0.17
C SER A 161 -32.63 3.80 -0.01
N TYR A 162 -32.52 2.54 0.43
CA TYR A 162 -31.45 1.65 -0.03
C TYR A 162 -32.08 0.52 -0.84
N PHE A 163 -31.51 0.24 -2.00
CA PHE A 163 -32.00 -0.85 -2.83
C PHE A 163 -31.02 -2.01 -2.96
N TYR A 164 -31.54 -3.22 -2.90
CA TYR A 164 -30.77 -4.43 -3.11
C TYR A 164 -31.25 -5.14 -4.34
N ASN A 165 -30.34 -5.25 -5.31
CA ASN A 165 -30.65 -5.64 -6.67
C ASN A 165 -29.94 -6.91 -7.05
N LEU A 166 -30.55 -7.68 -7.93
CA LEU A 166 -29.98 -8.94 -8.40
C LEU A 166 -30.66 -9.26 -9.70
N THR A 167 -29.91 -9.65 -10.72
CA THR A 167 -30.53 -10.18 -11.96
C THR A 167 -30.34 -11.68 -12.12
N VAL A 168 -31.24 -12.32 -12.86
CA VAL A 168 -31.24 -13.77 -13.01
C VAL A 168 -31.49 -14.09 -14.49
N VAL A 169 -30.84 -15.12 -15.03
CA VAL A 169 -31.31 -15.65 -16.31
C VAL A 169 -32.04 -16.96 -16.05
N VAL A 170 -33.22 -17.09 -16.65
CA VAL A 170 -34.05 -18.27 -16.45
C VAL A 170 -34.31 -18.95 -17.79
N LYS A 171 -33.99 -20.23 -17.85
CA LYS A 171 -34.39 -21.06 -18.96
C LYS A 171 -35.79 -21.48 -18.56
N THR A 172 -36.79 -20.91 -19.21
CA THR A 172 -38.16 -21.02 -18.75
C THR A 172 -39.08 -21.84 -19.65
N PHE A 173 -39.96 -22.59 -19.01
CA PHE A 173 -40.95 -23.39 -19.73
C PHE A 173 -42.24 -22.60 -19.92
N VAL A 174 -42.31 -21.41 -19.32
CA VAL A 174 -43.47 -20.53 -19.44
C VAL A 174 -43.53 -19.96 -20.85
N ASN A 175 -44.74 -19.91 -21.43
CA ASN A 175 -44.91 -19.71 -22.87
C ASN A 175 -44.58 -18.34 -23.42
N ASP A 176 -44.87 -17.31 -22.65
CA ASP A 176 -44.77 -15.95 -23.14
C ASP A 176 -44.57 -15.00 -21.95
N PRO A 177 -44.04 -13.80 -22.21
CA PRO A 177 -43.81 -12.82 -21.18
C PRO A 177 -45.04 -12.40 -20.38
N LEU A 178 -46.22 -12.45 -20.97
CA LEU A 178 -47.39 -12.00 -20.22
C LEU A 178 -47.73 -13.10 -19.24
N SER A 179 -47.81 -14.33 -19.74
CA SER A 179 -47.94 -15.47 -18.85
C SER A 179 -46.89 -15.40 -17.74
N MET A 180 -45.63 -15.13 -18.11
CA MET A 180 -44.60 -15.05 -17.10
C MET A 180 -44.82 -13.96 -16.07
N LEU A 181 -45.40 -12.83 -16.49
CA LEU A 181 -45.67 -11.74 -15.54
C LEU A 181 -46.75 -12.16 -14.53
N VAL A 182 -47.71 -12.94 -15.00
CA VAL A 182 -48.76 -13.47 -14.13
C VAL A 182 -48.15 -14.32 -13.01
N VAL A 183 -47.37 -15.33 -13.38
CA VAL A 183 -46.70 -16.20 -12.40
C VAL A 183 -45.79 -15.42 -11.45
N ILE A 184 -45.04 -14.47 -11.99
CA ILE A 184 -44.23 -13.58 -11.19
C ILE A 184 -45.04 -12.76 -10.16
N LYS A 185 -46.23 -12.30 -10.54
CA LYS A 185 -47.03 -11.47 -9.64
C LYS A 185 -47.67 -12.31 -8.55
N TYR A 186 -47.94 -13.57 -8.90
CA TYR A 186 -48.33 -14.55 -7.91
C TYR A 186 -47.20 -14.78 -6.93
N ILE A 187 -46.00 -15.05 -7.44
CA ILE A 187 -44.82 -15.19 -6.60
C ILE A 187 -44.69 -13.98 -5.67
N GLU A 188 -44.85 -12.78 -6.22
CA GLU A 188 -44.69 -11.57 -5.41
C GLU A 188 -45.70 -11.55 -4.28
N GLU A 189 -46.95 -11.93 -4.60
CA GLU A 189 -48.03 -12.03 -3.61
C GLU A 189 -47.76 -13.09 -2.55
N LEU A 190 -47.39 -14.29 -2.97
CA LEU A 190 -47.05 -15.33 -2.01
C LEU A 190 -46.06 -14.80 -0.99
N MET A 191 -45.19 -13.89 -1.42
CA MET A 191 -44.13 -13.41 -0.55
C MET A 191 -44.59 -12.26 0.33
N LYS A 192 -45.72 -11.65 -0.01
CA LYS A 192 -46.34 -10.57 0.77
C LYS A 192 -47.56 -11.08 1.55
N ARG A 205 -43.23 -3.85 -1.89
CA ARG A 205 -42.42 -3.21 -0.87
C ARG A 205 -41.20 -4.08 -0.58
N ILE A 206 -41.45 -5.31 -0.13
CA ILE A 206 -40.37 -6.25 0.19
C ILE A 206 -39.76 -6.94 -1.03
N ILE A 207 -40.50 -7.04 -2.13
CA ILE A 207 -39.96 -7.65 -3.34
C ILE A 207 -40.59 -7.16 -4.65
N ASP A 208 -39.73 -6.77 -5.58
CA ASP A 208 -40.14 -6.41 -6.93
C ASP A 208 -39.42 -7.29 -7.97
N ILE A 209 -40.20 -8.02 -8.75
CA ILE A 209 -39.65 -8.92 -9.76
C ILE A 209 -40.11 -8.45 -11.13
N ASP A 210 -39.18 -7.98 -11.95
CA ASP A 210 -39.51 -7.47 -13.28
C ASP A 210 -38.87 -8.34 -14.35
N ILE A 211 -39.49 -8.40 -15.52
CA ILE A 211 -38.87 -9.08 -16.65
C ILE A 211 -38.07 -8.07 -17.40
N LEU A 212 -36.84 -8.40 -17.75
CA LEU A 212 -35.99 -7.48 -18.50
C LEU A 212 -35.90 -7.83 -20.00
N PHE A 213 -35.82 -9.13 -20.31
CA PHE A 213 -35.78 -9.61 -21.66
C PHE A 213 -36.55 -10.91 -21.73
N PHE A 214 -37.01 -11.28 -22.92
CA PHE A 214 -37.63 -12.56 -23.13
C PHE A 214 -37.35 -12.91 -24.56
N ASN A 215 -36.45 -13.86 -24.77
CA ASN A 215 -35.96 -14.14 -26.11
C ASN A 215 -35.48 -12.84 -26.79
N ASP A 216 -35.54 -12.75 -28.12
CA ASP A 216 -35.21 -11.51 -28.82
C ASP A 216 -36.37 -10.50 -28.92
N PHE A 217 -37.52 -10.83 -28.30
CA PHE A 217 -38.77 -10.11 -28.53
C PHE A 217 -38.69 -8.62 -28.22
N THR A 218 -39.40 -7.80 -29.01
CA THR A 218 -39.64 -6.38 -28.67
C THR A 218 -41.13 -6.17 -28.61
N ILE A 219 -41.63 -5.83 -27.42
CA ILE A 219 -43.06 -5.85 -27.15
C ILE A 219 -43.46 -4.61 -26.37
N PHE A 220 -44.52 -3.95 -26.82
CA PHE A 220 -45.11 -2.89 -26.02
C PHE A 220 -46.63 -2.91 -26.15
N MET A 221 -47.28 -3.47 -25.13
CA MET A 221 -48.71 -3.60 -25.10
C MET A 221 -49.27 -2.69 -24.03
N LYS A 222 -50.04 -1.69 -24.47
CA LYS A 222 -50.70 -0.76 -23.57
C LYS A 222 -52.07 -1.32 -23.17
N ASN A 223 -52.63 -0.81 -22.08
CA ASN A 223 -54.03 -1.10 -21.71
C ASN A 223 -54.38 -2.59 -21.72
N ILE A 224 -53.70 -3.37 -20.89
CA ILE A 224 -54.04 -4.78 -20.74
C ILE A 224 -55.11 -4.92 -19.68
N LYS A 225 -56.13 -5.73 -20.00
CA LYS A 225 -57.03 -6.26 -18.98
C LYS A 225 -57.20 -7.75 -19.13
N LEU A 226 -56.63 -8.49 -18.18
CA LEU A 226 -56.81 -9.91 -18.12
C LEU A 226 -57.97 -10.21 -17.20
N GLU A 227 -59.03 -10.81 -17.77
CA GLU A 227 -60.19 -11.26 -17.02
C GLU A 227 -59.73 -12.24 -15.93
N LYS A 228 -60.34 -12.15 -14.74
CA LYS A 228 -59.85 -12.88 -13.56
C LYS A 228 -59.87 -14.41 -13.72
N ASN A 229 -60.70 -14.93 -14.62
CA ASN A 229 -60.63 -16.34 -14.96
C ASN A 229 -59.35 -16.66 -15.74
N MET A 230 -58.93 -15.73 -16.60
CA MET A 230 -57.74 -15.90 -17.45
C MET A 230 -56.44 -16.10 -16.65
N ILE A 231 -56.32 -15.35 -15.57
CA ILE A 231 -55.27 -15.51 -14.58
C ILE A 231 -55.29 -16.89 -13.95
N TYR A 232 -56.44 -17.32 -13.43
CA TYR A 232 -56.54 -18.64 -12.83
C TYR A 232 -56.11 -19.69 -13.84
N LYS A 233 -56.49 -19.51 -15.10
CA LYS A 233 -56.23 -20.50 -16.11
C LYS A 233 -54.75 -20.57 -16.42
N ILE A 234 -54.11 -19.39 -16.41
CA ILE A 234 -52.67 -19.28 -16.61
C ILE A 234 -51.92 -19.93 -15.42
N LEU A 235 -52.17 -19.45 -14.21
CA LEU A 235 -51.57 -20.05 -13.03
C LEU A 235 -51.78 -21.57 -13.00
N SER A 236 -52.95 -22.02 -13.41
CA SER A 236 -53.25 -23.46 -13.41
C SER A 236 -52.38 -24.26 -14.34
N LYS A 237 -52.00 -23.66 -15.47
CA LYS A 237 -51.17 -24.35 -16.45
C LYS A 237 -49.81 -24.75 -15.83
N TYR A 238 -49.29 -23.89 -14.95
CA TYR A 238 -47.96 -24.07 -14.40
C TYR A 238 -47.94 -24.56 -12.96
N ILE A 239 -49.04 -24.39 -12.25
CA ILE A 239 -49.11 -24.72 -10.81
C ILE A 239 -50.33 -25.57 -10.46
N HIS A 240 -50.16 -26.50 -9.51
CA HIS A 240 -51.24 -27.30 -8.94
C HIS A 240 -51.89 -26.49 -7.88
N LEU A 241 -52.89 -25.70 -8.26
CA LEU A 241 -53.54 -24.77 -7.33
C LEU A 241 -54.46 -25.47 -6.31
N GLU A 242 -54.36 -25.03 -5.06
CA GLU A 242 -55.19 -25.57 -3.98
C GLU A 242 -55.71 -24.44 -3.09
N GLU A 304 -57.94 -16.71 -3.71
CA GLU A 304 -58.15 -15.49 -2.93
C GLU A 304 -57.40 -14.27 -3.47
N ILE A 305 -56.11 -14.44 -3.74
CA ILE A 305 -55.23 -13.31 -4.11
C ILE A 305 -55.14 -13.00 -5.61
N ILE A 306 -55.85 -13.78 -6.41
CA ILE A 306 -56.02 -13.52 -7.85
C ILE A 306 -56.58 -12.11 -8.09
N ASN A 307 -57.58 -11.72 -7.30
CA ASN A 307 -58.25 -10.43 -7.45
C ASN A 307 -57.35 -9.20 -7.40
N ASN A 308 -56.24 -9.30 -6.66
CA ASN A 308 -55.18 -8.28 -6.64
C ASN A 308 -54.49 -8.10 -8.00
N MET A 309 -54.21 -9.21 -8.66
CA MET A 309 -53.39 -9.22 -9.88
C MET A 309 -54.05 -8.57 -11.09
N VAL A 310 -55.38 -8.64 -11.17
CA VAL A 310 -56.15 -8.09 -12.31
C VAL A 310 -55.97 -6.58 -12.45
N ASP A 311 -55.99 -5.88 -11.32
CA ASP A 311 -55.81 -4.42 -11.30
C ASP A 311 -54.37 -4.07 -11.68
N ASN A 312 -53.43 -4.92 -11.28
CA ASN A 312 -52.01 -4.55 -11.34
C ASN A 312 -51.27 -4.76 -12.65
N ILE A 313 -51.71 -5.70 -13.49
CA ILE A 313 -51.07 -5.82 -14.81
C ILE A 313 -51.71 -4.86 -15.79
N GLU A 314 -51.05 -3.72 -16.01
CA GLU A 314 -51.64 -2.66 -16.83
C GLU A 314 -51.06 -2.62 -18.22
N PHE A 315 -49.74 -2.64 -18.32
CA PHE A 315 -49.09 -2.79 -19.64
C PHE A 315 -48.00 -3.86 -19.62
N LEU A 316 -47.41 -4.14 -20.78
CA LEU A 316 -46.26 -5.03 -20.88
C LEU A 316 -45.19 -4.47 -21.80
N SER A 317 -44.01 -4.25 -21.24
CA SER A 317 -42.85 -3.78 -21.98
C SER A 317 -41.71 -4.80 -21.99
N ILE A 318 -41.21 -5.12 -23.19
CA ILE A 318 -40.06 -6.00 -23.35
C ILE A 318 -39.15 -5.47 -24.45
N PRO A 319 -37.90 -5.05 -24.11
CA PRO A 319 -37.25 -4.94 -22.82
C PRO A 319 -38.05 -4.10 -21.85
N HIS A 320 -37.79 -4.29 -20.55
CA HIS A 320 -38.33 -3.39 -19.54
C HIS A 320 -37.88 -1.98 -19.86
N VAL A 321 -38.77 -1.02 -19.63
CA VAL A 321 -38.53 0.38 -20.00
C VAL A 321 -37.22 0.89 -19.37
N TYR A 322 -37.02 0.60 -18.09
CA TYR A 322 -35.84 1.10 -17.40
C TYR A 322 -34.53 0.34 -17.59
N THR A 323 -34.60 -0.81 -18.27
CA THR A 323 -33.42 -1.66 -18.49
C THR A 323 -32.13 -0.86 -18.70
N THR A 324 -32.22 0.13 -19.58
CA THR A 324 -31.08 0.80 -20.13
C THR A 324 -30.88 2.17 -19.48
N HIS A 325 -31.74 2.48 -18.51
CA HIS A 325 -31.85 3.80 -17.91
C HIS A 325 -31.50 3.81 -16.47
N ARG A 326 -31.60 2.67 -15.81
CA ARG A 326 -31.23 2.55 -14.40
C ARG A 326 -29.82 1.94 -14.31
N TYR A 327 -28.93 2.60 -13.57
CA TYR A 327 -27.55 2.13 -13.44
C TYR A 327 -27.49 0.71 -12.87
N SER A 328 -28.15 0.49 -11.75
CA SER A 328 -28.07 -0.76 -11.03
C SER A 328 -28.48 -1.94 -11.91
N ILE A 329 -29.39 -1.71 -12.85
CA ILE A 329 -29.79 -2.77 -13.77
C ILE A 329 -28.64 -3.06 -14.72
N LEU A 330 -28.04 -2.03 -15.27
CA LEU A 330 -26.91 -2.27 -16.18
C LEU A 330 -25.75 -2.94 -15.44
N LEU A 331 -25.52 -2.49 -14.21
CA LEU A 331 -24.53 -3.07 -13.31
C LEU A 331 -24.70 -4.59 -13.16
N CYS A 332 -25.92 -5.05 -12.87
CA CYS A 332 -26.22 -6.47 -12.79
C CYS A 332 -26.07 -7.20 -14.12
N LEU A 333 -26.55 -6.62 -15.21
CA LEU A 333 -26.54 -7.33 -16.50
C LEU A 333 -25.14 -7.51 -16.99
N ASN A 334 -24.25 -6.61 -16.57
CA ASN A 334 -22.84 -6.62 -16.98
C ASN A 334 -22.08 -7.82 -16.41
N ASP A 335 -22.47 -8.27 -15.21
CA ASP A 335 -21.91 -9.46 -14.63
C ASP A 335 -22.31 -10.69 -15.46
N MET A 336 -23.52 -10.69 -16.03
CA MET A 336 -24.07 -11.90 -16.63
C MET A 336 -23.86 -11.99 -18.12
N ILE A 337 -24.32 -10.96 -18.84
CA ILE A 337 -24.41 -11.03 -20.30
C ILE A 337 -23.79 -9.77 -20.91
N PRO A 338 -22.47 -9.56 -20.67
CA PRO A 338 -21.85 -8.31 -21.09
C PRO A 338 -21.84 -8.11 -22.61
N GLU A 339 -21.79 -9.21 -23.35
CA GLU A 339 -21.68 -9.14 -24.80
C GLU A 339 -23.05 -9.12 -25.51
N TYR A 340 -24.14 -9.19 -24.75
CA TYR A 340 -25.47 -9.23 -25.31
C TYR A 340 -25.91 -7.90 -25.98
N LYS A 341 -26.47 -8.01 -27.19
CA LYS A 341 -27.07 -6.85 -27.85
C LYS A 341 -28.45 -7.12 -28.46
N HIS A 342 -29.49 -6.76 -27.72
CA HIS A 342 -30.86 -6.72 -28.20
C HIS A 342 -31.05 -5.69 -29.30
N ASN A 343 -31.98 -5.96 -30.24
CA ASN A 343 -32.31 -5.09 -31.39
C ASN A 343 -32.58 -3.63 -31.04
N VAL A 344 -33.04 -3.41 -29.81
CA VAL A 344 -33.54 -2.14 -29.36
C VAL A 344 -32.42 -1.31 -28.75
N LEU A 345 -31.25 -1.93 -28.61
CA LEU A 345 -30.14 -1.29 -27.91
C LEU A 345 -29.10 -0.78 -28.87
N ASN A 346 -28.53 0.37 -28.54
CA ASN A 346 -27.51 0.98 -29.38
C ASN A 346 -26.17 0.25 -29.31
N ASN A 347 -25.95 -0.45 -28.20
CA ASN A 347 -24.71 -1.17 -27.96
C ASN A 347 -24.92 -2.39 -27.10
N THR A 348 -23.85 -3.18 -26.94
CA THR A 348 -23.85 -4.36 -26.09
C THR A 348 -24.03 -3.87 -24.66
N ILE A 349 -24.48 -4.75 -23.77
CA ILE A 349 -24.57 -4.42 -22.35
C ILE A 349 -23.25 -3.80 -21.82
N ARG A 350 -22.09 -4.36 -22.18
CA ARG A 350 -20.86 -3.80 -21.64
C ARG A 350 -20.66 -2.35 -22.05
N CYS A 351 -20.67 -2.06 -23.36
CA CYS A 351 -20.52 -0.67 -23.80
C CYS A 351 -21.50 0.28 -23.10
N LEU A 352 -22.78 -0.08 -23.09
CA LEU A 352 -23.78 0.76 -22.44
C LEU A 352 -23.43 1.00 -21.00
N TYR A 353 -23.02 -0.05 -20.30
CA TYR A 353 -22.58 0.09 -18.91
C TYR A 353 -21.43 1.08 -18.80
N ASN A 354 -20.41 0.92 -19.65
CA ASN A 354 -19.22 1.76 -19.62
C ASN A 354 -19.55 3.24 -19.82
N LYS A 355 -20.37 3.49 -20.84
CA LYS A 355 -20.77 4.84 -21.23
C LYS A 355 -21.60 5.52 -20.16
N TYR A 356 -22.38 4.74 -19.43
CA TYR A 356 -23.15 5.26 -18.30
C TYR A 356 -22.22 5.70 -17.16
N VAL A 357 -21.21 4.90 -16.88
CA VAL A 357 -20.25 5.18 -15.82
C VAL A 357 -19.50 6.49 -16.08
N SER A 358 -19.11 6.71 -17.34
CA SER A 358 -18.31 7.87 -17.75
C SER A 358 -19.13 9.14 -17.97
N ARG A 359 -20.36 9.00 -18.44
CA ARG A 359 -21.28 10.14 -18.50
C ARG A 359 -21.43 10.75 -17.11
N MET A 360 -21.51 9.90 -16.09
CA MET A 360 -21.67 10.34 -14.70
C MET A 360 -20.47 11.11 -14.11
N LYS A 361 -19.26 10.77 -14.52
CA LYS A 361 -18.07 11.51 -14.06
C LYS A 361 -17.78 12.77 -14.90
N GLU A 362 -18.29 12.81 -16.13
CA GLU A 362 -18.05 13.93 -17.04
C GLU A 362 -19.15 14.98 -16.95
N GLN A 363 -20.37 14.58 -17.28
CA GLN A 363 -21.52 15.49 -17.31
C GLN A 363 -22.05 15.86 -15.92
N TYR A 364 -21.71 15.08 -14.91
CA TYR A 364 -22.20 15.33 -13.55
C TYR A 364 -21.12 15.30 -12.47
N ASN A 365 -19.93 14.80 -12.85
CA ASN A 365 -18.86 14.51 -11.89
C ASN A 365 -19.35 13.80 -10.60
N ILE A 366 -19.79 12.55 -10.78
CA ILE A 366 -20.33 11.77 -9.66
C ILE A 366 -19.45 10.57 -9.29
N ASN A 367 -18.97 9.84 -10.31
CA ASN A 367 -18.27 8.54 -10.11
C ASN A 367 -19.21 7.52 -9.44
N ILE A 368 -20.15 7.03 -10.24
CA ILE A 368 -21.28 6.25 -9.73
C ILE A 368 -20.90 4.95 -8.99
N LYS A 369 -19.66 4.51 -9.15
CA LYS A 369 -19.20 3.28 -8.51
C LYS A 369 -19.22 3.33 -6.97
N GLU A 370 -19.02 4.53 -6.42
CA GLU A 370 -18.96 4.73 -4.96
C GLU A 370 -20.34 4.65 -4.30
N ASN A 371 -21.40 4.87 -5.08
CA ASN A 371 -22.78 4.80 -4.57
C ASN A 371 -23.39 3.39 -4.64
N ASN A 372 -22.65 2.47 -5.26
CA ASN A 372 -23.19 1.17 -5.58
C ASN A 372 -22.16 0.11 -5.29
N LYS A 373 -22.45 -0.71 -4.28
CA LYS A 373 -21.47 -1.63 -3.75
C LYS A 373 -21.77 -3.07 -4.15
N ARG A 374 -20.77 -3.76 -4.70
CA ARG A 374 -20.90 -5.18 -4.97
C ARG A 374 -20.90 -5.97 -3.67
N ILE A 375 -21.77 -6.98 -3.60
CA ILE A 375 -21.94 -7.78 -2.41
C ILE A 375 -21.65 -9.28 -2.62
N TYR A 376 -20.99 -9.93 -1.65
CA TYR A 376 -20.93 -11.39 -1.61
C TYR A 376 -21.60 -11.92 -0.34
N VAL A 377 -21.88 -13.21 -0.25
CA VAL A 377 -22.56 -13.77 0.94
C VAL A 377 -21.88 -15.05 1.41
N LEU A 378 -21.48 -15.06 2.68
CA LEU A 378 -20.79 -16.18 3.26
C LEU A 378 -21.77 -17.15 3.89
N LYS A 379 -22.70 -16.62 4.66
CA LYS A 379 -23.70 -17.45 5.29
C LYS A 379 -25.09 -16.92 4.96
N ASP A 380 -25.56 -15.91 5.69
CA ASP A 380 -26.91 -15.38 5.46
C ASP A 380 -26.99 -13.87 5.54
N ARG A 381 -25.84 -13.22 5.71
CA ARG A 381 -25.77 -11.77 5.78
C ARG A 381 -24.98 -11.21 4.62
N ILE A 382 -25.17 -9.91 4.39
CA ILE A 382 -24.47 -9.12 3.39
C ILE A 382 -23.03 -8.84 3.83
N SER A 383 -22.10 -9.06 2.93
CA SER A 383 -20.73 -8.55 3.05
C SER A 383 -20.48 -7.63 1.86
N TYR A 384 -19.83 -6.50 2.10
CA TYR A 384 -19.49 -5.63 0.99
C TYR A 384 -18.12 -6.06 0.48
N LEU A 385 -18.03 -6.34 -0.82
CA LEU A 385 -16.77 -6.73 -1.46
C LEU A 385 -15.68 -5.70 -1.21
N LYS A 386 -14.51 -6.20 -0.78
CA LYS A 386 -13.31 -5.38 -0.53
C LYS A 386 -13.36 -4.50 0.72
N GLU A 387 -14.41 -4.61 1.52
CA GLU A 387 -14.51 -3.75 2.71
C GLU A 387 -13.87 -4.26 4.00
N LYS A 388 -13.72 -5.58 4.12
CA LYS A 388 -13.08 -6.19 5.29
C LYS A 388 -12.25 -7.44 4.92
N THR A 389 -11.07 -7.58 5.52
CA THR A 389 -10.34 -8.82 5.46
C THR A 389 -10.71 -9.72 6.64
N ASN A 390 -11.51 -10.75 6.40
CA ASN A 390 -11.94 -11.67 7.45
C ASN A 390 -10.91 -12.74 7.69
N ILE A 391 -10.78 -13.16 8.94
CA ILE A 391 -9.88 -14.26 9.28
C ILE A 391 -10.63 -15.58 9.26
N VAL A 392 -10.04 -16.54 8.57
CA VAL A 392 -10.54 -17.90 8.55
C VAL A 392 -9.50 -18.76 9.30
N GLY A 393 -9.87 -19.25 10.48
CA GLY A 393 -8.93 -20.00 11.31
C GLY A 393 -8.99 -21.47 10.94
N ILE A 394 -7.82 -22.05 10.73
CA ILE A 394 -7.74 -23.46 10.34
C ILE A 394 -7.93 -24.40 11.53
N LEU A 395 -8.77 -25.42 11.36
CA LEU A 395 -8.81 -26.56 12.29
C LEU A 395 -8.58 -27.88 11.55
N ASN A 396 -7.33 -28.37 11.55
CA ASN A 396 -6.99 -29.65 10.95
C ASN A 396 -7.21 -30.78 11.95
N VAL A 397 -8.28 -31.54 11.82
CA VAL A 397 -8.48 -32.69 12.72
C VAL A 397 -7.51 -33.83 12.38
N ASN A 398 -7.13 -33.92 11.11
CA ASN A 398 -6.12 -34.86 10.60
C ASN A 398 -4.89 -34.96 11.52
N VAL A 409 -6.90 -34.07 17.04
CA VAL A 409 -7.53 -35.37 16.77
C VAL A 409 -8.76 -35.66 17.63
N GLU A 410 -8.64 -35.40 18.95
CA GLU A 410 -9.70 -35.74 19.92
C GLU A 410 -10.88 -34.72 19.93
N PRO A 411 -12.13 -35.21 19.78
CA PRO A 411 -13.31 -34.34 19.63
C PRO A 411 -13.43 -33.16 20.61
N LYS A 412 -13.08 -33.36 21.89
CA LYS A 412 -13.15 -32.24 22.86
C LYS A 412 -12.00 -31.25 22.71
N ARG A 413 -10.78 -31.75 22.50
CA ARG A 413 -9.62 -30.88 22.28
C ARG A 413 -9.81 -29.98 21.04
N ALA A 414 -10.44 -30.55 20.01
CA ALA A 414 -10.71 -29.83 18.77
C ALA A 414 -11.80 -28.77 18.98
N VAL A 415 -12.87 -29.12 19.68
CA VAL A 415 -13.93 -28.14 19.96
C VAL A 415 -13.50 -26.99 20.89
N GLN A 416 -12.58 -27.23 21.81
CA GLN A 416 -12.16 -26.14 22.69
C GLN A 416 -11.23 -25.25 21.89
N ARG A 417 -10.50 -25.87 20.96
CA ARG A 417 -9.70 -25.13 19.99
C ARG A 417 -10.59 -24.27 19.07
N MET A 418 -11.74 -24.78 18.68
CA MET A 418 -12.66 -23.94 17.94
C MET A 418 -13.02 -22.70 18.75
N PHE A 419 -13.49 -22.92 19.99
CA PHE A 419 -13.87 -21.79 20.87
C PHE A 419 -12.71 -20.83 21.12
N GLU A 420 -11.51 -21.38 21.22
CA GLU A 420 -10.35 -20.56 21.39
C GLU A 420 -10.26 -19.59 20.21
N MET A 421 -10.37 -20.13 18.97
CA MET A 421 -10.18 -19.36 17.75
C MET A 421 -11.21 -18.24 17.58
N ILE A 422 -12.45 -18.51 17.96
CA ILE A 422 -13.48 -17.48 18.06
C ILE A 422 -13.02 -16.31 18.95
N ASN A 423 -12.54 -16.63 20.16
CA ASN A 423 -12.06 -15.62 21.09
C ASN A 423 -10.89 -14.86 20.51
N GLU A 424 -10.02 -15.58 19.81
CA GLU A 424 -8.84 -14.98 19.22
C GLU A 424 -9.21 -14.07 18.05
N GLY A 425 -10.45 -14.15 17.55
CA GLY A 425 -10.92 -13.24 16.51
C GLY A 425 -11.44 -13.81 15.18
N ALA A 426 -11.40 -15.13 15.00
CA ALA A 426 -11.85 -15.75 13.76
C ALA A 426 -13.31 -15.49 13.47
N SER A 427 -13.65 -14.98 12.28
CA SER A 427 -15.08 -14.89 11.88
C SER A 427 -15.56 -16.19 11.22
N VAL A 428 -14.60 -17.00 10.75
CA VAL A 428 -14.89 -18.22 10.05
C VAL A 428 -13.94 -19.29 10.62
N ILE A 429 -14.47 -20.49 10.87
CA ILE A 429 -13.63 -21.67 11.13
C ILE A 429 -13.62 -22.65 9.93
N ASP A 430 -12.44 -23.04 9.46
CA ASP A 430 -12.35 -23.98 8.34
C ASP A 430 -11.87 -25.33 8.83
N ILE A 431 -12.76 -26.31 8.90
CA ILE A 431 -12.41 -27.61 9.42
C ILE A 431 -12.11 -28.63 8.32
N GLY A 432 -11.00 -29.36 8.46
CA GLY A 432 -10.71 -30.46 7.54
C GLY A 432 -10.13 -31.70 8.20
N GLY A 433 -10.31 -32.86 7.58
CA GLY A 433 -9.66 -34.07 8.03
C GLY A 433 -8.80 -34.72 6.96
N GLU A 434 -8.36 -33.94 5.96
CA GLU A 434 -7.44 -34.43 4.93
C GLU A 434 -6.21 -33.52 4.76
N SER A 435 -5.13 -34.07 4.22
CA SER A 435 -3.90 -33.28 3.98
C SER A 435 -3.21 -33.69 2.66
N LYS A 445 -7.16 -45.95 7.36
CA LYS A 445 -6.67 -45.97 8.74
C LYS A 445 -7.62 -45.29 9.75
N ILE A 446 -8.46 -44.38 9.24
CA ILE A 446 -9.59 -43.72 9.95
C ILE A 446 -10.20 -42.67 9.02
N SER A 447 -11.50 -42.81 8.73
CA SER A 447 -12.16 -42.01 7.68
C SER A 447 -12.27 -40.51 7.98
N GLU A 448 -12.13 -39.68 6.93
CA GLU A 448 -12.30 -38.23 6.99
C GLU A 448 -13.58 -37.90 7.76
N ARG A 449 -14.63 -38.63 7.40
CA ARG A 449 -15.91 -38.52 8.06
C ARG A 449 -15.79 -38.60 9.59
N ASP A 450 -15.04 -39.58 10.08
CA ASP A 450 -15.01 -39.87 11.51
C ASP A 450 -14.23 -38.83 12.26
N LEU A 451 -13.23 -38.28 11.59
CA LEU A 451 -12.50 -37.12 12.08
C LEU A 451 -13.36 -35.85 12.21
N VAL A 452 -14.16 -35.51 11.20
CA VAL A 452 -14.76 -34.16 11.23
C VAL A 452 -16.16 -34.10 11.79
N VAL A 453 -16.99 -35.07 11.41
CA VAL A 453 -18.40 -35.00 11.78
C VAL A 453 -18.59 -34.92 13.31
N PRO A 454 -17.98 -35.86 14.09
CA PRO A 454 -18.18 -35.82 15.55
C PRO A 454 -17.79 -34.47 16.15
N VAL A 455 -16.62 -33.96 15.75
CA VAL A 455 -16.17 -32.62 16.17
C VAL A 455 -17.19 -31.53 15.87
N LEU A 456 -17.78 -31.60 14.68
CA LEU A 456 -18.76 -30.62 14.29
C LEU A 456 -20.02 -30.80 15.08
N GLN A 457 -20.37 -32.05 15.39
CA GLN A 457 -21.57 -32.37 16.21
C GLN A 457 -21.40 -31.82 17.62
N LEU A 458 -20.25 -32.13 18.23
CA LEU A 458 -19.93 -31.61 19.54
C LEU A 458 -19.96 -30.08 19.55
N PHE A 459 -19.22 -29.47 18.63
CA PHE A 459 -19.17 -28.02 18.58
C PHE A 459 -20.57 -27.47 18.53
N GLN A 460 -21.38 -28.01 17.62
CA GLN A 460 -22.76 -27.57 17.46
C GLN A 460 -23.56 -27.67 18.79
N LYS A 461 -23.37 -28.78 19.52
CA LYS A 461 -24.10 -28.99 20.77
C LYS A 461 -23.65 -28.03 21.86
N GLU A 462 -22.33 -27.92 22.02
CA GLU A 462 -21.73 -27.02 22.99
C GLU A 462 -22.14 -25.58 22.74
N TRP A 463 -22.14 -25.17 21.48
CA TRP A 463 -22.59 -23.82 21.10
C TRP A 463 -24.03 -23.56 21.49
N ASN A 464 -24.83 -24.63 21.52
CA ASN A 464 -26.24 -24.51 21.87
C ASN A 464 -26.47 -24.39 23.40
N ASP A 465 -25.54 -24.98 24.17
CA ASP A 465 -25.47 -24.82 25.63
C ASP A 465 -25.09 -23.39 25.99
N ILE A 466 -24.01 -22.89 25.36
CA ILE A 466 -23.51 -21.54 25.61
C ILE A 466 -24.22 -20.53 24.69
N LYS A 467 -25.54 -20.61 24.69
CA LYS A 467 -26.42 -19.59 24.08
C LYS A 467 -27.31 -18.92 25.14
N ASN A 468 -26.93 -19.11 26.41
CA ASN A 468 -27.54 -18.40 27.54
C ASN A 468 -27.35 -16.88 27.39
N LYS A 469 -26.17 -16.48 26.93
CA LYS A 469 -25.94 -15.12 26.43
C LYS A 469 -26.53 -15.05 25.02
N ILE A 470 -27.45 -14.11 24.80
CA ILE A 470 -27.99 -13.84 23.45
C ILE A 470 -27.22 -12.70 22.79
N VAL A 471 -26.15 -12.25 23.47
CA VAL A 471 -25.08 -11.46 22.87
C VAL A 471 -24.14 -12.45 22.18
N LYS A 472 -24.12 -13.69 22.68
CA LYS A 472 -23.47 -14.82 22.02
C LYS A 472 -24.50 -15.70 21.30
N CYS A 473 -25.32 -15.05 20.46
CA CYS A 473 -26.33 -15.69 19.63
C CYS A 473 -26.13 -15.28 18.18
N ASP A 474 -25.61 -14.06 17.99
CA ASP A 474 -25.25 -13.55 16.66
C ASP A 474 -23.72 -13.38 16.50
N ALA A 475 -22.97 -13.92 17.46
CA ALA A 475 -21.51 -13.98 17.38
C ALA A 475 -21.00 -15.38 17.00
N LYS A 476 -21.82 -16.14 16.25
CA LYS A 476 -21.45 -17.49 15.87
C LYS A 476 -20.56 -17.46 14.65
N PRO A 477 -19.44 -18.18 14.69
CA PRO A 477 -18.60 -18.15 13.51
C PRO A 477 -19.29 -18.91 12.36
N ILE A 478 -18.91 -18.54 11.16
CA ILE A 478 -19.35 -19.26 9.97
C ILE A 478 -18.46 -20.52 9.91
N ILE A 479 -19.08 -21.68 9.68
CA ILE A 479 -18.33 -22.91 9.61
C ILE A 479 -18.09 -23.33 8.15
N SER A 480 -16.83 -23.55 7.83
CA SER A 480 -16.42 -23.96 6.51
C SER A 480 -15.83 -25.37 6.59
N ILE A 481 -16.21 -26.26 5.68
CA ILE A 481 -15.58 -27.59 5.60
C ILE A 481 -14.67 -27.79 4.37
N ASP A 482 -13.42 -28.15 4.64
CA ASP A 482 -12.42 -28.33 3.64
C ASP A 482 -12.48 -29.76 3.15
N THR A 483 -13.32 -30.02 2.16
CA THR A 483 -13.47 -31.38 1.64
C THR A 483 -13.81 -31.36 0.16
N ILE A 484 -13.42 -32.44 -0.53
CA ILE A 484 -13.84 -32.62 -1.92
C ILE A 484 -14.78 -33.81 -2.01
N ASN A 485 -15.08 -34.40 -0.86
CA ASN A 485 -15.85 -35.63 -0.88
C ASN A 485 -17.33 -35.41 -0.53
N TYR A 486 -18.16 -35.76 -1.50
CA TYR A 486 -19.60 -35.70 -1.43
C TYR A 486 -20.22 -36.30 -0.17
N ASN A 487 -19.81 -37.52 0.23
CA ASN A 487 -20.44 -38.18 1.40
C ASN A 487 -20.28 -37.38 2.69
N VAL A 488 -19.08 -36.84 2.88
CA VAL A 488 -18.77 -36.03 4.04
C VAL A 488 -19.59 -34.75 4.02
N PHE A 489 -19.58 -34.04 2.90
CA PHE A 489 -20.34 -32.78 2.82
C PHE A 489 -21.83 -33.04 2.98
N LYS A 490 -22.34 -34.10 2.37
CA LYS A 490 -23.75 -34.43 2.45
C LYS A 490 -24.19 -34.60 3.91
N GLU A 491 -23.42 -35.35 4.69
CA GLU A 491 -23.76 -35.54 6.10
C GLU A 491 -23.73 -34.24 6.88
N CYS A 492 -22.69 -33.44 6.68
CA CYS A 492 -22.63 -32.12 7.31
C CYS A 492 -23.86 -31.25 7.01
N VAL A 493 -24.35 -31.35 5.79
CA VAL A 493 -25.32 -30.38 5.35
C VAL A 493 -26.69 -30.83 5.83
N ASP A 494 -26.92 -32.13 5.82
CA ASP A 494 -28.16 -32.71 6.32
C ASP A 494 -28.34 -32.42 7.81
N ASN A 495 -27.24 -32.34 8.54
CA ASN A 495 -27.31 -32.11 9.96
C ASN A 495 -26.97 -30.67 10.37
N ASP A 496 -27.20 -29.72 9.44
CA ASP A 496 -26.89 -28.31 9.62
C ASP A 496 -25.57 -28.05 10.36
N LEU A 497 -24.50 -28.74 9.97
CA LEU A 497 -23.23 -28.62 10.67
C LEU A 497 -22.27 -27.62 10.04
N VAL A 498 -22.55 -27.19 8.81
CA VAL A 498 -21.61 -26.33 8.08
C VAL A 498 -22.34 -25.25 7.30
N ASP A 499 -21.64 -24.16 6.99
CA ASP A 499 -22.20 -23.13 6.09
C ASP A 499 -21.54 -23.10 4.72
N ILE A 500 -20.24 -23.38 4.67
CA ILE A 500 -19.49 -23.24 3.44
C ILE A 500 -18.76 -24.50 3.07
N LEU A 501 -18.81 -24.84 1.77
CA LEU A 501 -17.98 -25.86 1.17
C LEU A 501 -16.64 -25.27 0.70
N ASN A 502 -15.53 -25.76 1.23
CA ASN A 502 -14.21 -25.33 0.74
C ASN A 502 -13.66 -26.46 -0.10
N ASP A 503 -13.86 -26.38 -1.41
CA ASP A 503 -13.50 -27.48 -2.33
C ASP A 503 -12.18 -27.16 -3.04
N ILE A 504 -11.12 -27.86 -2.64
CA ILE A 504 -9.79 -27.55 -3.19
C ILE A 504 -9.58 -28.02 -4.63
N SER A 505 -10.59 -28.70 -5.18
CA SER A 505 -10.56 -29.15 -6.57
C SER A 505 -11.57 -28.30 -7.39
N ALA A 506 -12.06 -27.21 -6.78
CA ALA A 506 -13.01 -26.33 -7.45
C ALA A 506 -14.19 -27.14 -7.99
N CYS A 507 -14.59 -28.15 -7.23
CA CYS A 507 -15.74 -29.00 -7.51
C CYS A 507 -15.52 -29.84 -8.78
N THR A 508 -14.26 -30.02 -9.19
CA THR A 508 -13.98 -30.85 -10.35
C THR A 508 -13.85 -32.31 -9.99
N ASN A 509 -13.50 -32.61 -8.74
CA ASN A 509 -13.33 -34.00 -8.38
C ASN A 509 -14.64 -34.77 -8.45
N ASN A 510 -15.69 -34.18 -7.88
CA ASN A 510 -17.02 -34.75 -7.98
C ASN A 510 -18.09 -33.66 -8.10
N PRO A 511 -18.40 -33.24 -9.34
CA PRO A 511 -19.25 -32.05 -9.46
C PRO A 511 -20.70 -32.27 -8.95
N GLU A 512 -21.05 -33.51 -8.63
CA GLU A 512 -22.33 -33.80 -7.99
C GLU A 512 -22.42 -33.00 -6.72
N ILE A 513 -21.29 -32.77 -6.05
CA ILE A 513 -21.27 -31.96 -4.85
C ILE A 513 -21.99 -30.62 -5.06
N ILE A 514 -22.01 -30.14 -6.31
CA ILE A 514 -22.73 -28.93 -6.65
C ILE A 514 -24.23 -29.03 -6.31
N LYS A 515 -24.83 -30.21 -6.42
CA LYS A 515 -26.23 -30.38 -6.01
C LYS A 515 -26.45 -30.09 -4.52
N LEU A 516 -25.43 -30.23 -3.70
CA LEU A 516 -25.62 -30.12 -2.24
C LEU A 516 -25.57 -28.68 -1.78
N LEU A 517 -25.30 -27.80 -2.73
CA LEU A 517 -25.14 -26.36 -2.47
C LEU A 517 -26.50 -25.68 -2.51
N LYS A 518 -27.51 -26.42 -2.97
CA LYS A 518 -28.89 -25.97 -3.05
C LYS A 518 -29.85 -26.86 -2.26
N LYS A 519 -30.62 -26.25 -1.37
CA LYS A 519 -31.81 -26.90 -0.82
C LYS A 519 -33.05 -26.13 -1.25
N LYS A 520 -34.22 -26.62 -0.86
CA LYS A 520 -35.48 -25.96 -1.19
C LYS A 520 -35.49 -24.51 -0.73
N ASN A 521 -35.15 -24.28 0.53
CA ASN A 521 -35.10 -22.91 1.05
C ASN A 521 -33.71 -22.55 1.61
N LYS A 522 -32.64 -22.93 0.89
CA LYS A 522 -31.29 -22.63 1.32
C LYS A 522 -30.23 -22.81 0.24
N PHE A 523 -29.26 -21.90 0.25
CA PHE A 523 -28.11 -21.94 -0.61
C PHE A 523 -26.84 -21.99 0.26
N TYR A 524 -25.84 -22.77 -0.16
CA TYR A 524 -24.58 -22.73 0.56
C TYR A 524 -23.52 -22.00 -0.25
N SER A 525 -22.62 -21.28 0.40
CA SER A 525 -21.50 -20.69 -0.32
C SER A 525 -20.36 -21.70 -0.49
N VAL A 526 -19.45 -21.39 -1.42
CA VAL A 526 -18.43 -22.34 -1.81
C VAL A 526 -17.15 -21.59 -2.16
N VAL A 527 -16.00 -22.18 -1.82
CA VAL A 527 -14.71 -21.66 -2.20
C VAL A 527 -14.22 -22.54 -3.33
N LEU A 528 -13.74 -21.94 -4.41
CA LEU A 528 -13.20 -22.71 -5.50
C LEU A 528 -11.73 -22.42 -5.56
N MET A 529 -10.92 -23.45 -5.37
CA MET A 529 -9.47 -23.27 -5.38
C MET A 529 -8.81 -23.88 -6.63
N HIS A 530 -7.79 -23.22 -7.18
CA HIS A 530 -6.98 -23.85 -8.24
C HIS A 530 -5.91 -24.81 -7.72
N LYS A 531 -5.90 -26.04 -8.24
CA LYS A 531 -4.72 -26.91 -8.12
C LYS A 531 -4.52 -27.80 -9.33
N ARG A 532 -3.39 -28.51 -9.36
CA ARG A 532 -3.19 -29.57 -10.35
C ARG A 532 -2.75 -30.80 -9.62
N GLY A 533 -3.13 -31.96 -10.14
CA GLY A 533 -2.67 -33.25 -9.61
C GLY A 533 -3.19 -33.51 -8.22
N ASN A 534 -2.39 -34.22 -7.43
CA ASN A 534 -2.73 -34.61 -6.07
C ASN A 534 -1.47 -34.37 -5.25
N PRO A 535 -1.49 -34.68 -3.94
CA PRO A 535 -0.32 -34.24 -3.13
C PRO A 535 1.06 -34.78 -3.60
N HIS A 536 1.08 -35.93 -4.25
CA HIS A 536 2.36 -36.48 -4.68
C HIS A 536 2.85 -35.94 -5.99
N THR A 537 1.92 -35.62 -6.88
CA THR A 537 2.25 -35.14 -8.23
C THR A 537 2.30 -33.62 -8.37
N MET A 538 1.62 -32.91 -7.47
CA MET A 538 1.40 -31.49 -7.71
C MET A 538 2.67 -30.67 -7.85
N ASP A 539 3.70 -30.99 -7.07
CA ASP A 539 4.97 -30.24 -7.15
C ASP A 539 5.70 -30.38 -8.49
N GLU A 540 5.24 -31.30 -9.35
CA GLU A 540 5.83 -31.48 -10.68
C GLU A 540 5.02 -30.85 -11.82
N LEU A 541 3.79 -30.40 -11.54
CA LEU A 541 2.83 -29.97 -12.57
C LEU A 541 2.79 -28.46 -12.65
N THR A 542 3.90 -27.91 -13.08
CA THR A 542 4.27 -26.57 -12.74
C THR A 542 4.49 -25.64 -13.94
N ASN A 543 4.26 -26.15 -15.15
CA ASN A 543 4.35 -25.32 -16.35
C ASN A 543 3.04 -24.60 -16.64
N TYR A 544 3.15 -23.29 -16.85
CA TYR A 544 2.01 -22.49 -17.20
C TYR A 544 2.45 -21.57 -18.32
N ASP A 545 1.65 -21.47 -19.37
CA ASP A 545 1.92 -20.51 -20.40
C ASP A 545 1.84 -19.09 -19.87
N ASN A 546 0.79 -18.81 -19.09
CA ASN A 546 0.56 -17.49 -18.52
C ASN A 546 0.00 -17.61 -17.09
N LEU A 547 0.87 -17.96 -16.15
CA LEU A 547 0.50 -18.27 -14.75
C LEU A 547 -0.74 -17.57 -14.18
N VAL A 548 -0.68 -16.26 -14.12
CA VAL A 548 -1.67 -15.43 -13.47
C VAL A 548 -3.03 -15.58 -14.17
N TYR A 549 -3.03 -15.54 -15.49
CA TYR A 549 -4.29 -15.46 -16.20
C TYR A 549 -4.85 -16.87 -16.42
N ASP A 550 -3.93 -17.84 -16.51
CA ASP A 550 -4.32 -19.24 -16.67
C ASP A 550 -5.18 -19.62 -15.48
N ILE A 551 -4.68 -19.24 -14.29
CA ILE A 551 -5.36 -19.52 -13.04
C ILE A 551 -6.64 -18.71 -12.95
N LYS A 552 -6.55 -17.44 -13.34
CA LYS A 552 -7.71 -16.58 -13.28
C LYS A 552 -8.84 -17.10 -14.17
N ASN A 553 -8.52 -17.49 -15.41
CA ASN A 553 -9.55 -17.92 -16.33
C ASN A 553 -10.12 -19.28 -15.88
N TYR A 554 -9.25 -20.15 -15.35
CA TYR A 554 -9.67 -21.41 -14.79
C TYR A 554 -10.78 -21.19 -13.75
N LEU A 555 -10.49 -20.28 -12.80
CA LEU A 555 -11.43 -20.01 -11.73
C LEU A 555 -12.71 -19.43 -12.30
N GLU A 556 -12.55 -18.53 -13.28
CA GLU A 556 -13.69 -17.93 -13.98
C GLU A 556 -14.58 -18.97 -14.67
N GLN A 557 -14.01 -19.96 -15.31
CA GLN A 557 -14.90 -20.94 -15.89
C GLN A 557 -15.52 -21.92 -14.93
N ARG A 558 -14.81 -22.22 -13.83
CA ARG A 558 -15.44 -23.00 -12.77
C ARG A 558 -16.64 -22.24 -12.30
N LEU A 559 -16.47 -20.94 -12.00
CA LEU A 559 -17.63 -20.14 -11.62
C LEU A 559 -18.75 -20.17 -12.67
N ASN A 560 -18.41 -20.09 -13.96
CA ASN A 560 -19.41 -20.15 -15.01
C ASN A 560 -20.18 -21.44 -14.95
N PHE A 561 -19.49 -22.52 -14.61
CA PHE A 561 -20.12 -23.85 -14.56
C PHE A 561 -21.09 -23.92 -13.37
N LEU A 562 -20.68 -23.33 -12.25
CA LEU A 562 -21.53 -23.34 -11.08
C LEU A 562 -22.77 -22.47 -11.30
N VAL A 563 -22.56 -21.30 -11.89
CA VAL A 563 -23.62 -20.31 -12.06
C VAL A 563 -24.64 -20.85 -13.07
N LEU A 564 -24.11 -21.43 -14.16
CA LEU A 564 -24.90 -22.20 -15.12
C LEU A 564 -25.75 -23.26 -14.43
N ASN A 565 -25.25 -23.83 -13.33
CA ASN A 565 -26.01 -24.87 -12.60
C ASN A 565 -26.73 -24.35 -11.36
N GLY A 566 -26.98 -23.03 -11.36
CA GLY A 566 -27.91 -22.41 -10.42
C GLY A 566 -27.34 -21.97 -9.08
N ILE A 567 -26.02 -21.97 -8.94
CA ILE A 567 -25.39 -21.43 -7.74
C ILE A 567 -25.29 -19.91 -7.87
N PRO A 568 -25.77 -19.18 -6.87
CA PRO A 568 -25.70 -17.73 -6.99
C PRO A 568 -24.26 -17.23 -7.13
N ARG A 569 -24.01 -16.35 -8.10
CA ARG A 569 -22.66 -15.84 -8.36
C ARG A 569 -22.03 -15.25 -7.08
N TYR A 570 -22.83 -14.49 -6.32
CA TYR A 570 -22.33 -13.81 -5.12
C TYR A 570 -22.01 -14.77 -3.93
N ARG A 571 -22.22 -16.09 -4.09
CA ARG A 571 -21.80 -17.06 -3.06
C ARG A 571 -20.57 -17.87 -3.41
N ILE A 572 -19.82 -17.43 -4.43
CA ILE A 572 -18.68 -18.17 -4.96
C ILE A 572 -17.39 -17.39 -4.71
N LEU A 573 -16.41 -18.04 -4.10
CA LEU A 573 -15.18 -17.39 -3.70
C LEU A 573 -14.01 -17.95 -4.47
N PHE A 574 -13.09 -17.10 -4.88
CA PHE A 574 -11.93 -17.46 -5.68
C PHE A 574 -10.73 -17.71 -4.77
N ASP A 575 -9.97 -18.75 -5.08
CA ASP A 575 -8.75 -19.01 -4.35
C ASP A 575 -7.71 -19.53 -5.33
N ILE A 576 -6.59 -18.84 -5.39
CA ILE A 576 -5.51 -19.15 -6.30
C ILE A 576 -4.73 -20.42 -5.93
N GLY A 577 -5.01 -20.99 -4.76
CA GLY A 577 -4.31 -22.20 -4.30
C GLY A 577 -2.81 -22.05 -4.18
N LEU A 578 -2.35 -21.19 -3.28
CA LEU A 578 -0.92 -20.97 -3.11
C LEU A 578 -0.26 -22.28 -2.70
N GLY A 579 0.86 -22.61 -3.34
CA GLY A 579 1.56 -23.86 -3.03
C GLY A 579 1.04 -25.16 -3.66
N PHE A 580 -0.08 -25.11 -4.37
CA PHE A 580 -0.63 -26.29 -5.01
C PHE A 580 -0.28 -26.24 -6.48
N ALA A 581 0.72 -27.03 -6.89
CA ALA A 581 1.23 -27.00 -8.25
C ALA A 581 1.76 -25.62 -8.63
N LYS A 582 2.47 -25.01 -7.70
CA LYS A 582 3.19 -23.78 -7.96
C LYS A 582 4.57 -23.85 -7.32
N LYS A 583 5.58 -23.41 -8.05
CA LYS A 583 6.91 -23.23 -7.45
C LYS A 583 6.76 -22.01 -6.56
N HIS A 584 7.65 -21.89 -5.59
CA HIS A 584 7.64 -20.75 -4.69
C HIS A 584 7.64 -19.39 -5.35
N ASP A 585 8.38 -19.25 -6.44
CA ASP A 585 8.36 -18.00 -7.22
C ASP A 585 7.01 -17.76 -7.91
N GLN A 586 6.31 -18.84 -8.22
CA GLN A 586 5.03 -18.73 -8.86
C GLN A 586 3.96 -18.34 -7.82
N SER A 587 4.08 -18.90 -6.61
CA SER A 587 3.26 -18.49 -5.47
C SER A 587 3.41 -17.00 -5.18
N ILE A 588 4.65 -16.52 -5.16
CA ILE A 588 4.92 -15.09 -5.00
C ILE A 588 4.28 -14.31 -6.14
N LYS A 589 4.46 -14.79 -7.38
CA LYS A 589 4.00 -14.04 -8.56
C LYS A 589 2.49 -13.90 -8.52
N LEU A 590 1.83 -14.96 -8.06
CA LEU A 590 0.40 -14.91 -7.83
C LEU A 590 0.01 -13.86 -6.80
N LEU A 591 0.79 -13.76 -5.73
CA LEU A 591 0.53 -12.75 -4.72
C LEU A 591 0.85 -11.36 -5.27
N GLN A 592 1.93 -11.22 -6.03
CA GLN A 592 2.22 -9.91 -6.62
C GLN A 592 1.07 -9.42 -7.51
N ASN A 593 0.39 -10.35 -8.16
CA ASN A 593 -0.60 -9.98 -9.15
C ASN A 593 -1.99 -10.21 -8.64
N ILE A 594 -2.15 -10.03 -7.33
CA ILE A 594 -3.44 -10.35 -6.70
C ILE A 594 -4.55 -9.37 -7.13
N HIS A 595 -4.14 -8.20 -7.63
CA HIS A 595 -5.06 -7.16 -8.14
C HIS A 595 -5.97 -7.67 -9.22
N VAL A 596 -5.62 -8.81 -9.82
CA VAL A 596 -6.48 -9.34 -10.87
C VAL A 596 -7.81 -9.87 -10.32
N TYR A 597 -7.94 -9.99 -8.99
CA TYR A 597 -9.20 -10.41 -8.37
C TYR A 597 -9.97 -9.25 -7.72
N ASP A 598 -9.63 -8.03 -8.11
CA ASP A 598 -10.31 -6.81 -7.62
C ASP A 598 -11.84 -6.81 -7.76
N GLU A 599 -12.38 -7.51 -8.75
CA GLU A 599 -13.84 -7.50 -8.93
C GLU A 599 -14.50 -8.69 -8.26
N TYR A 600 -13.74 -9.56 -7.60
CA TYR A 600 -14.26 -10.86 -7.17
C TYR A 600 -13.97 -11.15 -5.72
N PRO A 601 -14.81 -11.96 -5.06
CA PRO A 601 -14.59 -12.38 -3.68
C PRO A 601 -13.37 -13.30 -3.59
N LEU A 602 -12.38 -12.88 -2.81
CA LEU A 602 -11.11 -13.56 -2.79
C LEU A 602 -10.75 -14.20 -1.43
N PHE A 603 -10.36 -15.46 -1.48
CA PHE A 603 -10.04 -16.27 -0.32
C PHE A 603 -8.63 -16.82 -0.61
N ILE A 604 -7.66 -16.56 0.27
CA ILE A 604 -6.32 -17.15 0.12
C ILE A 604 -5.78 -17.86 1.37
N GLY A 605 -4.85 -18.80 1.14
CA GLY A 605 -4.25 -19.58 2.20
C GLY A 605 -2.75 -19.58 1.99
N TYR A 606 -2.04 -18.75 2.74
CA TYR A 606 -0.59 -18.70 2.65
C TYR A 606 0.02 -19.38 3.84
N SER A 607 -0.82 -19.58 4.87
CA SER A 607 -0.36 -19.90 6.21
C SER A 607 0.53 -21.15 6.31
N ARG A 608 1.76 -20.93 6.73
CA ARG A 608 2.77 -21.96 7.05
C ARG A 608 3.26 -22.75 5.85
N LYS A 609 2.94 -22.26 4.66
CA LYS A 609 3.31 -22.92 3.43
C LYS A 609 4.78 -22.69 3.15
N ARG A 610 5.39 -23.66 2.48
CA ARG A 610 6.81 -23.69 2.18
C ARG A 610 7.32 -22.39 1.56
N PHE A 611 6.53 -21.76 0.70
CA PHE A 611 7.06 -20.64 -0.07
C PHE A 611 7.41 -19.42 0.82
N ILE A 612 6.76 -19.30 1.98
CA ILE A 612 7.11 -18.22 2.89
C ILE A 612 8.60 -18.31 3.22
N ALA A 613 9.09 -19.53 3.47
CA ALA A 613 10.48 -19.76 3.84
C ALA A 613 11.45 -19.34 2.73
N HIS A 614 11.09 -19.60 1.50
CA HIS A 614 11.84 -19.17 0.32
C HIS A 614 12.10 -17.68 0.30
N CYS A 615 11.37 -16.91 1.11
CA CYS A 615 11.54 -15.46 1.16
C CYS A 615 12.63 -14.96 2.12
N MET A 616 12.98 -15.77 3.12
CA MET A 616 13.89 -15.29 4.16
C MET A 616 15.34 -15.27 3.67
N ASN A 617 16.20 -14.56 4.41
CA ASN A 617 17.63 -14.48 4.13
C ASN A 617 18.46 -15.24 5.18
N ASP A 659 15.43 -24.98 14.38
CA ASP A 659 14.15 -25.55 13.96
C ASP A 659 12.93 -24.74 14.41
N GLN A 660 12.90 -24.35 15.69
CA GLN A 660 11.85 -23.47 16.22
C GLN A 660 12.01 -22.05 15.67
N LEU A 661 13.21 -21.73 15.18
CA LEU A 661 13.47 -20.44 14.56
C LEU A 661 12.75 -20.36 13.21
N LEU A 662 12.72 -21.48 12.50
CA LEU A 662 12.06 -21.56 11.20
C LEU A 662 10.53 -21.54 11.36
N TYR A 663 10.04 -22.24 12.37
CA TYR A 663 8.66 -22.14 12.80
C TYR A 663 8.31 -20.67 13.02
N GLN A 664 9.06 -20.01 13.90
CA GLN A 664 8.83 -18.62 14.24
C GLN A 664 8.88 -17.72 12.99
N LYS A 665 9.91 -17.88 12.17
CA LYS A 665 10.07 -17.09 10.95
C LYS A 665 8.86 -17.21 10.01
N ASN A 666 8.30 -18.41 9.93
CA ASN A 666 7.18 -18.72 9.05
C ASN A 666 5.92 -17.96 9.46
N ILE A 667 5.60 -18.02 10.74
CA ILE A 667 4.46 -17.31 11.29
C ILE A 667 4.62 -15.81 11.08
N CYS A 668 5.83 -15.32 11.29
CA CYS A 668 6.08 -13.90 11.16
C CYS A 668 6.04 -13.50 9.70
N GLY A 669 6.53 -14.37 8.83
CA GLY A 669 6.46 -14.12 7.39
C GLY A 669 5.02 -14.07 6.90
N GLY A 670 4.18 -14.93 7.48
CA GLY A 670 2.76 -14.94 7.15
C GLY A 670 2.07 -13.64 7.54
N LEU A 671 2.49 -13.07 8.67
CA LEU A 671 1.87 -11.84 9.15
C LEU A 671 2.21 -10.71 8.19
N ALA A 672 3.37 -10.80 7.53
CA ALA A 672 3.64 -9.88 6.42
C ALA A 672 2.60 -10.04 5.31
N ILE A 673 2.17 -11.27 5.05
CA ILE A 673 1.20 -11.45 3.98
C ILE A 673 -0.18 -10.99 4.41
N ALA A 674 -0.47 -11.11 5.72
CA ALA A 674 -1.70 -10.59 6.29
C ALA A 674 -1.78 -9.09 6.02
N SER A 675 -0.64 -8.41 6.21
CA SER A 675 -0.54 -6.98 5.95
C SER A 675 -0.84 -6.66 4.51
N TYR A 676 -0.16 -7.39 3.65
CA TYR A 676 -0.29 -7.22 2.22
C TYR A 676 -1.74 -7.46 1.81
N SER A 677 -2.32 -8.55 2.34
CA SER A 677 -3.70 -8.88 2.04
C SER A 677 -4.63 -7.78 2.51
N TYR A 678 -4.30 -7.17 3.66
CA TYR A 678 -5.13 -6.09 4.19
C TYR A 678 -5.15 -4.90 3.23
N TYR A 679 -4.00 -4.53 2.69
CA TYR A 679 -3.93 -3.39 1.78
C TYR A 679 -4.49 -3.71 0.42
N LYS A 680 -4.36 -4.96 -0.02
CA LYS A 680 -4.92 -5.42 -1.29
C LYS A 680 -6.40 -5.73 -1.12
N LYS A 681 -6.88 -5.63 0.11
CA LYS A 681 -8.29 -5.82 0.44
C LYS A 681 -8.78 -7.23 0.18
N VAL A 682 -7.91 -8.22 0.33
CA VAL A 682 -8.29 -9.61 0.20
C VAL A 682 -9.48 -9.88 1.12
N ASP A 683 -10.49 -10.58 0.62
CA ASP A 683 -11.71 -10.80 1.43
C ASP A 683 -11.62 -11.81 2.60
N LEU A 684 -10.98 -12.94 2.37
CA LEU A 684 -10.78 -13.93 3.43
C LEU A 684 -9.36 -14.47 3.40
N ILE A 685 -8.73 -14.56 4.57
CA ILE A 685 -7.42 -15.19 4.65
C ILE A 685 -7.48 -16.35 5.61
N ARG A 686 -6.91 -17.47 5.19
CA ARG A 686 -7.02 -18.75 5.90
C ARG A 686 -5.73 -19.00 6.69
N VAL A 687 -5.82 -18.89 8.02
CA VAL A 687 -4.62 -18.85 8.86
C VAL A 687 -4.67 -19.83 10.04
N HIS A 688 -3.51 -20.35 10.43
CA HIS A 688 -3.36 -21.10 11.68
C HIS A 688 -3.30 -20.18 12.86
N ASP A 689 -2.56 -19.08 12.72
CA ASP A 689 -2.22 -18.18 13.81
C ASP A 689 -3.21 -17.02 13.97
N VAL A 690 -4.36 -17.33 14.53
CA VAL A 690 -5.50 -16.44 14.53
C VAL A 690 -5.27 -15.19 15.35
N LEU A 691 -4.69 -15.37 16.53
CA LEU A 691 -4.49 -14.28 17.48
C LEU A 691 -3.49 -13.29 16.92
N GLU A 692 -2.42 -13.81 16.33
CA GLU A 692 -1.36 -13.00 15.77
C GLU A 692 -1.93 -12.20 14.60
N THR A 693 -2.67 -12.88 13.74
CA THR A 693 -3.27 -12.27 12.56
C THR A 693 -4.26 -11.18 12.97
N LYS A 694 -5.10 -11.49 13.94
CA LYS A 694 -6.07 -10.51 14.48
C LYS A 694 -5.39 -9.23 14.98
N SER A 695 -4.24 -9.40 15.62
CA SER A 695 -3.51 -8.27 16.17
C SER A 695 -3.01 -7.40 15.06
N VAL A 696 -2.40 -8.00 14.03
CA VAL A 696 -1.91 -7.24 12.87
C VAL A 696 -3.08 -6.47 12.21
N LEU A 697 -4.24 -7.11 12.05
CA LEU A 697 -5.31 -6.48 11.29
C LEU A 697 -5.97 -5.36 12.11
N ASP A 698 -5.99 -5.50 13.43
CA ASP A 698 -6.53 -4.44 14.27
C ASP A 698 -5.68 -3.18 14.16
N VAL A 699 -4.37 -3.37 14.17
CA VAL A 699 -3.46 -2.27 14.16
C VAL A 699 -3.57 -1.54 12.82
N LEU A 700 -3.52 -2.28 11.71
CA LEU A 700 -3.66 -1.68 10.37
C LEU A 700 -5.01 -0.99 10.19
N THR A 701 -6.04 -1.56 10.79
CA THR A 701 -7.36 -0.97 10.73
C THR A 701 -7.39 0.36 11.48
N LYS A 702 -6.76 0.38 12.65
CA LYS A 702 -6.78 1.52 13.50
C LYS A 702 -5.99 2.65 12.84
N ILE A 703 -4.82 2.34 12.30
CA ILE A 703 -4.03 3.32 11.56
C ILE A 703 -4.85 3.93 10.40
N ASP A 704 -5.81 3.18 9.87
CA ASP A 704 -6.69 3.67 8.80
C ASP A 704 -7.90 4.49 9.24
N GLN A 705 -8.31 4.40 10.51
CA GLN A 705 -9.45 5.20 10.97
C GLN A 705 -9.09 6.67 11.24
N VAL A 706 -9.49 7.54 10.32
CA VAL A 706 -9.49 8.99 10.58
C VAL A 706 -10.90 9.45 10.97
N GLN B 5 42.77 46.37 -7.66
CA GLN B 5 43.99 46.78 -6.89
C GLN B 5 44.59 45.60 -6.09
N GLU B 6 45.75 45.84 -5.48
CA GLU B 6 46.45 44.88 -4.63
C GLU B 6 46.09 45.03 -3.14
N LEU B 7 44.86 45.48 -2.87
CA LEU B 7 44.26 45.52 -1.52
C LEU B 7 44.18 44.12 -0.92
N ILE B 8 44.23 43.13 -1.80
CA ILE B 8 44.20 41.70 -1.48
C ILE B 8 45.05 41.29 -0.27
N LEU B 9 46.18 41.97 -0.08
CA LEU B 9 47.12 41.60 0.98
C LEU B 9 46.87 42.27 2.36
N SER B 10 45.75 42.97 2.50
CA SER B 10 45.43 43.66 3.75
C SER B 10 44.76 42.77 4.80
N GLU B 11 45.29 42.83 6.02
CA GLU B 11 44.79 42.06 7.16
C GLU B 11 43.45 42.60 7.67
N GLU B 12 43.02 43.75 7.12
CA GLU B 12 41.78 44.44 7.50
C GLU B 12 40.58 43.48 7.58
N ASN B 13 40.28 43.06 8.80
CA ASN B 13 39.43 41.90 9.11
C ASN B 13 37.96 42.02 8.70
N LYS B 14 37.58 41.19 7.73
CA LYS B 14 36.21 41.19 7.21
C LYS B 14 35.62 39.79 7.10
N THR B 15 34.29 39.74 6.97
CA THR B 15 33.54 38.49 6.95
C THR B 15 32.57 38.46 5.76
N ASN B 16 32.79 37.50 4.87
CA ASN B 16 31.93 37.33 3.69
C ASN B 16 31.15 36.02 3.73
N ILE B 17 30.03 36.00 3.00
CA ILE B 17 29.22 34.79 2.87
C ILE B 17 29.53 34.17 1.52
N ALA B 18 30.06 32.94 1.58
CA ALA B 18 30.49 32.24 0.39
C ALA B 18 29.78 30.90 0.24
N VAL B 19 29.01 30.78 -0.83
CA VAL B 19 28.33 29.52 -1.17
C VAL B 19 29.22 28.71 -2.12
N LEU B 20 29.56 27.50 -1.70
CA LEU B 20 30.40 26.61 -2.52
C LEU B 20 29.59 25.51 -3.20
N ASN B 21 30.28 24.67 -3.97
CA ASN B 21 29.74 23.43 -4.52
C ASN B 21 30.85 22.40 -4.50
N LEU B 22 30.58 21.19 -4.02
CA LEU B 22 31.60 20.16 -4.02
C LEU B 22 31.14 18.92 -4.81
N GLY B 23 32.01 18.41 -5.68
CA GLY B 23 31.73 17.24 -6.53
C GLY B 23 32.74 16.12 -6.40
N THR B 24 32.34 14.91 -6.81
CA THR B 24 33.23 13.73 -6.84
C THR B 24 32.60 12.57 -7.63
N ASN B 25 33.41 11.56 -7.96
CA ASN B 25 33.00 10.46 -8.85
C ASN B 25 33.07 9.09 -8.19
N ASP B 26 33.96 8.97 -7.21
CA ASP B 26 34.10 7.75 -6.44
C ASP B 26 32.83 7.52 -5.60
N ARG B 27 32.09 6.47 -5.93
CA ARG B 27 30.87 6.08 -5.21
C ARG B 27 31.22 5.39 -3.90
N ARG B 28 32.32 4.61 -3.91
CA ARG B 28 32.73 3.82 -2.76
C ARG B 28 33.26 4.68 -1.61
N ASN B 29 33.57 5.94 -1.92
CA ASN B 29 34.23 6.82 -0.96
C ASN B 29 33.68 8.25 -0.89
N ALA B 30 32.67 8.56 -1.72
CA ALA B 30 32.13 9.92 -1.83
C ALA B 30 32.04 10.66 -0.47
N VAL B 31 31.61 9.93 0.55
CA VAL B 31 31.53 10.47 1.91
C VAL B 31 32.94 10.88 2.34
N LEU B 32 33.85 9.90 2.41
CA LEU B 32 35.22 10.14 2.86
C LEU B 32 35.93 11.27 2.09
N ILE B 33 35.71 11.33 0.79
CA ILE B 33 36.23 12.44 0.01
C ILE B 33 35.53 13.74 0.43
N LEU B 34 34.21 13.79 0.27
CA LEU B 34 33.45 15.04 0.46
C LEU B 34 33.48 15.61 1.89
N GLU B 35 33.55 14.76 2.90
CA GLU B 35 33.60 15.24 4.28
C GLU B 35 34.99 15.82 4.58
N THR B 36 36.01 15.16 4.05
CA THR B 36 37.39 15.65 4.10
C THR B 36 37.46 17.03 3.45
N ALA B 37 36.82 17.19 2.29
CA ALA B 37 36.74 18.49 1.66
C ALA B 37 36.15 19.50 2.64
N LEU B 38 35.02 19.13 3.26
CA LEU B 38 34.37 19.97 4.28
C LEU B 38 35.35 20.42 5.38
N HIS B 39 36.06 19.46 5.98
CA HIS B 39 36.99 19.81 7.06
C HIS B 39 37.96 20.89 6.66
N LEU B 40 38.55 20.74 5.47
CA LEU B 40 39.51 21.70 4.95
C LEU B 40 38.88 23.08 4.78
N VAL B 41 37.67 23.11 4.22
CA VAL B 41 36.88 24.35 4.15
C VAL B 41 36.70 24.93 5.56
N GLU B 42 36.28 24.10 6.52
CA GLU B 42 36.15 24.52 7.92
C GLU B 42 37.48 25.08 8.44
N LYS B 43 38.58 24.42 8.10
CA LYS B 43 39.92 24.75 8.59
C LYS B 43 40.59 25.94 7.88
N TYR B 44 40.34 26.12 6.58
CA TYR B 44 41.09 27.12 5.81
C TYR B 44 40.34 28.36 5.31
N LEU B 45 39.01 28.33 5.29
CA LEU B 45 38.24 29.47 4.76
C LEU B 45 37.37 30.19 5.78
N GLY B 46 37.02 29.51 6.87
CA GLY B 46 36.12 30.08 7.87
C GLY B 46 35.22 29.06 8.53
N LYS B 47 33.92 29.33 8.54
CA LYS B 47 32.95 28.44 9.20
C LYS B 47 31.82 27.96 8.28
N ILE B 48 31.59 26.64 8.26
CA ILE B 48 30.41 26.08 7.57
C ILE B 48 29.14 26.29 8.39
N ILE B 49 28.22 27.06 7.82
CA ILE B 49 27.01 27.46 8.51
C ILE B 49 25.76 26.99 7.79
N ASN B 50 25.94 26.17 6.75
CA ASN B 50 24.85 25.49 6.07
C ASN B 50 25.41 24.46 5.12
N THR B 51 24.72 23.33 5.00
CA THR B 51 24.99 22.33 3.98
C THR B 51 23.67 21.89 3.38
N SER B 52 23.75 21.18 2.26
CA SER B 52 22.59 20.58 1.63
C SER B 52 22.61 19.08 1.94
N TYR B 53 21.63 18.35 1.43
CA TYR B 53 21.76 16.90 1.38
C TYR B 53 22.83 16.50 0.36
N LEU B 54 23.42 15.34 0.56
CA LEU B 54 24.33 14.77 -0.39
C LEU B 54 23.45 14.12 -1.47
N TYR B 55 23.64 14.49 -2.74
CA TYR B 55 22.87 13.89 -3.82
C TYR B 55 23.71 13.09 -4.82
N GLU B 56 23.20 11.92 -5.21
CA GLU B 56 23.75 11.15 -6.35
C GLU B 56 23.02 11.56 -7.63
N THR B 57 23.81 11.85 -8.66
CA THR B 57 23.29 12.44 -9.89
C THR B 57 23.87 11.81 -11.16
N VAL B 58 23.07 11.82 -12.21
CA VAL B 58 23.48 11.42 -13.56
C VAL B 58 23.19 12.60 -14.52
N PRO B 59 24.25 13.19 -15.10
CA PRO B 59 24.14 14.46 -15.83
C PRO B 59 23.32 14.37 -17.11
N ASN B 83 43.69 4.63 1.92
CA ASN B 83 44.67 4.83 3.00
C ASN B 83 45.45 6.15 2.88
N TYR B 84 45.40 6.75 1.68
CA TYR B 84 46.11 7.99 1.36
C TYR B 84 45.79 9.15 2.29
N ILE B 85 44.50 9.36 2.56
CA ILE B 85 44.01 10.54 3.29
C ILE B 85 44.27 10.50 4.81
N ASN B 86 44.39 9.31 5.39
CA ASN B 86 44.77 9.15 6.80
C ASN B 86 46.04 9.94 7.16
N GLU B 87 47.09 9.74 6.34
CA GLU B 87 48.39 10.38 6.55
C GLU B 87 48.43 11.84 6.07
N LEU B 88 47.44 12.24 5.27
CA LEU B 88 47.30 13.64 4.85
C LEU B 88 46.89 14.54 6.02
N MET B 89 46.08 13.99 6.95
CA MET B 89 45.57 14.75 8.11
C MET B 89 46.62 14.98 9.20
N GLN B 90 47.50 13.99 9.38
CA GLN B 90 48.65 14.09 10.30
C GLN B 90 49.59 15.21 9.88
N ASN B 91 49.89 15.26 8.59
CA ASN B 91 50.82 16.23 8.01
C ASN B 91 50.09 17.40 7.35
N LEU B 92 49.43 18.21 8.18
CA LEU B 92 48.69 19.39 7.69
C LEU B 92 49.25 20.71 8.20
N GLU B 93 49.18 21.73 7.37
CA GLU B 93 49.62 23.08 7.74
C GLU B 93 48.57 23.77 8.61
N GLU B 94 49.02 24.42 9.67
CA GLU B 94 48.18 25.32 10.47
C GLU B 94 47.64 26.45 9.61
N SER B 95 46.38 26.84 9.86
CA SER B 95 45.81 28.01 9.20
C SER B 95 46.26 29.24 9.97
N LYS B 96 46.21 30.40 9.31
CA LYS B 96 46.54 31.65 9.97
C LYS B 96 45.47 32.02 11.01
N TYR B 97 44.20 31.92 10.63
CA TYR B 97 43.09 32.21 11.53
C TYR B 97 42.81 31.04 12.46
N GLU B 98 42.09 31.30 13.56
CA GLU B 98 41.86 30.31 14.62
C GLU B 98 40.47 29.65 14.52
N GLU B 99 40.43 28.34 14.77
CA GLU B 99 39.19 27.56 14.72
C GLU B 99 38.37 27.73 16.00
N ASN B 100 37.16 28.27 15.83
CA ASN B 100 36.23 28.53 16.92
C ASN B 100 35.08 27.52 16.93
N LYS B 101 35.10 26.60 17.90
CA LYS B 101 34.10 25.51 17.98
C LYS B 101 32.82 25.89 18.75
N GLU B 102 32.72 27.17 19.13
CA GLU B 102 31.62 27.67 19.98
C GLU B 102 30.27 27.73 19.26
N LEU B 103 29.21 27.31 19.95
CA LEU B 103 27.86 27.28 19.35
C LEU B 103 27.27 28.67 19.17
N ILE B 104 26.67 28.88 18.02
CA ILE B 104 25.99 30.13 17.69
C ILE B 104 24.51 29.83 17.48
N ASP B 105 23.66 30.86 17.52
CA ASP B 105 22.23 30.68 17.30
C ASP B 105 21.71 31.59 16.18
N LYS B 106 22.58 32.50 15.74
CA LYS B 106 22.30 33.42 14.65
C LYS B 106 23.61 33.84 13.97
N CYS B 107 23.50 34.31 12.73
CA CYS B 107 24.64 34.84 12.02
C CYS B 107 24.17 36.03 11.23
N GLU B 108 24.50 37.24 11.71
CA GLU B 108 23.99 38.48 11.10
C GLU B 108 24.40 38.64 9.63
N GLU B 109 25.61 38.18 9.33
CA GLU B 109 26.15 38.21 7.98
C GLU B 109 25.28 37.38 7.03
N TYR B 110 25.04 36.12 7.42
CA TYR B 110 24.15 35.21 6.71
C TYR B 110 22.76 35.81 6.52
N GLU B 111 22.21 36.40 7.59
CA GLU B 111 20.89 37.02 7.54
C GLU B 111 20.82 38.12 6.48
N THR B 112 21.85 38.98 6.45
CA THR B 112 21.99 40.02 5.43
C THR B 112 22.20 39.43 4.03
N PHE B 113 23.10 38.45 3.90
CA PHE B 113 23.30 37.77 2.61
C PHE B 113 21.97 37.37 1.97
N LEU B 114 21.15 36.67 2.74
CA LEU B 114 19.87 36.10 2.26
C LEU B 114 18.87 37.11 1.71
N LYS B 115 18.78 38.29 2.34
CA LYS B 115 17.86 39.34 1.89
C LYS B 115 18.52 40.25 0.84
N ASN B 116 19.84 40.06 0.66
CA ASN B 116 20.68 40.90 -0.21
C ASN B 116 20.74 42.39 0.14
N GLY B 117 20.73 42.67 1.44
CA GLY B 117 21.03 44.01 1.96
C GLY B 117 22.51 44.31 1.78
N LYS B 118 22.95 45.43 2.34
CA LYS B 118 24.32 45.88 2.12
C LYS B 118 25.35 45.28 3.08
N VAL B 119 26.26 44.48 2.53
CA VAL B 119 27.51 44.11 3.19
C VAL B 119 28.61 44.99 2.54
N ASP B 120 29.85 44.90 3.04
CA ASP B 120 30.94 45.72 2.52
C ASP B 120 31.20 45.52 1.02
N ASN B 121 31.72 46.57 0.38
CA ASN B 121 31.92 46.61 -1.07
C ASN B 121 32.91 45.57 -1.61
N SER B 122 32.77 45.27 -2.90
CA SER B 122 33.60 44.29 -3.60
C SER B 122 35.03 44.80 -3.85
N ILE B 123 36.02 43.95 -3.58
CA ILE B 123 37.43 44.24 -3.87
C ILE B 123 37.68 44.32 -5.39
N LEU B 124 37.34 43.25 -6.11
CA LEU B 124 37.52 43.19 -7.56
C LEU B 124 36.36 43.92 -8.25
N LYS B 125 36.56 44.34 -9.51
CA LYS B 125 35.54 45.15 -10.19
C LYS B 125 34.30 44.37 -10.63
N GLU B 126 33.14 45.00 -10.41
CA GLU B 126 31.85 44.38 -10.69
C GLU B 126 31.26 44.76 -12.04
N VAL B 127 30.92 43.74 -12.81
CA VAL B 127 30.26 43.89 -14.12
C VAL B 127 28.74 43.89 -13.89
N ASN B 128 28.02 44.70 -14.67
CA ASN B 128 26.57 44.81 -14.52
C ASN B 128 25.78 43.61 -15.06
N VAL B 129 24.46 43.67 -14.91
CA VAL B 129 23.56 42.54 -15.21
C VAL B 129 23.68 42.05 -16.66
N GLU B 130 23.57 42.99 -17.61
CA GLU B 130 23.50 42.66 -19.04
C GLU B 130 24.82 42.13 -19.61
N ASN B 131 25.94 42.68 -19.13
CA ASN B 131 27.28 42.23 -19.55
C ASN B 131 27.55 40.80 -19.10
N TYR B 132 27.31 40.54 -17.82
CA TYR B 132 27.45 39.21 -17.23
C TYR B 132 26.58 38.17 -17.97
N LEU B 133 25.34 38.54 -18.29
CA LEU B 133 24.41 37.68 -19.00
C LEU B 133 24.91 37.18 -20.36
N LEU B 134 25.52 38.08 -21.13
CA LEU B 134 26.05 37.74 -22.46
C LEU B 134 27.36 36.95 -22.38
N GLU B 135 28.28 37.41 -21.54
CA GLU B 135 29.57 36.74 -21.34
C GLU B 135 29.42 35.31 -20.82
N CYS B 136 28.26 35.00 -20.25
CA CYS B 136 27.94 33.65 -19.79
C CYS B 136 27.57 32.72 -20.95
N ASN B 137 26.76 33.23 -21.88
CA ASN B 137 26.40 32.51 -23.11
C ASN B 137 27.63 32.11 -23.93
N ASN B 138 28.67 32.94 -23.84
CA ASN B 138 29.96 32.67 -24.46
C ASN B 138 30.58 31.35 -23.96
N ILE B 139 30.67 31.19 -22.64
CA ILE B 139 31.29 30.01 -22.03
C ILE B 139 30.45 28.75 -22.24
N ILE B 140 29.13 28.90 -22.28
CA ILE B 140 28.19 27.78 -22.40
C ILE B 140 28.22 27.13 -23.80
N VAL B 141 28.05 27.94 -24.84
CA VAL B 141 28.03 27.44 -26.22
C VAL B 141 29.41 26.94 -26.66
N LYS B 142 30.47 27.56 -26.12
CA LYS B 142 31.84 27.10 -26.34
C LYS B 142 32.09 25.71 -25.76
N ASN B 143 31.38 25.37 -24.69
CA ASN B 143 31.43 24.04 -24.10
C ASN B 143 30.45 23.06 -24.74
N ASP B 144 29.24 23.54 -25.05
CA ASP B 144 28.24 22.75 -25.80
C ASP B 144 28.77 22.30 -27.16
N GLU B 145 29.78 23.00 -27.66
CA GLU B 145 30.46 22.62 -28.89
C GLU B 145 31.50 21.52 -28.62
N ILE B 146 32.37 21.73 -27.64
CA ILE B 146 33.42 20.75 -27.28
C ILE B 146 32.82 19.38 -26.95
N MET B 147 31.71 19.40 -26.20
CA MET B 147 31.09 18.16 -25.69
C MET B 147 30.58 17.21 -26.77
N LYS B 148 30.12 17.78 -27.89
CA LYS B 148 29.57 16.98 -29.00
C LYS B 148 30.67 16.29 -29.80
N ASN B 149 31.90 16.80 -29.70
CA ASN B 149 33.08 16.23 -30.35
C ASN B 149 33.83 15.24 -29.45
N ASN B 150 33.44 15.18 -28.17
CA ASN B 150 34.09 14.33 -27.18
C ASN B 150 33.62 12.86 -27.20
N LEU B 151 32.44 12.63 -27.77
CA LEU B 151 31.86 11.28 -27.89
C LEU B 151 32.64 10.45 -28.89
N SER B 161 28.72 6.98 -15.59
CA SER B 161 29.10 8.27 -15.02
C SER B 161 28.25 8.60 -13.78
N TYR B 162 28.90 8.74 -12.64
CA TYR B 162 28.22 9.10 -11.39
C TYR B 162 28.71 10.42 -10.77
N PHE B 163 27.76 11.28 -10.40
CA PHE B 163 28.06 12.58 -9.81
C PHE B 163 27.50 12.74 -8.38
N TYR B 164 28.39 13.09 -7.44
CA TYR B 164 28.02 13.30 -6.04
C TYR B 164 28.21 14.75 -5.61
N ASN B 165 27.09 15.47 -5.59
CA ASN B 165 27.04 16.90 -5.31
C ASN B 165 26.81 17.17 -3.80
N LEU B 166 26.91 18.44 -3.39
CA LEU B 166 26.84 18.86 -1.99
C LEU B 166 27.20 20.35 -1.83
N THR B 167 26.21 21.25 -1.81
CA THR B 167 26.49 22.66 -1.55
C THR B 167 26.88 22.93 -0.07
N VAL B 168 27.40 24.13 0.17
CA VAL B 168 27.92 24.54 1.48
C VAL B 168 27.88 26.05 1.58
N VAL B 169 27.64 26.56 2.78
CA VAL B 169 27.70 27.99 3.00
C VAL B 169 28.82 28.25 3.98
N VAL B 170 29.74 29.14 3.59
CA VAL B 170 30.85 29.52 4.45
C VAL B 170 30.78 30.98 4.87
N LYS B 171 31.00 31.19 6.17
CA LYS B 171 31.22 32.50 6.76
C LYS B 171 32.74 32.64 6.70
N THR B 172 33.21 33.45 5.77
CA THR B 172 34.63 33.44 5.42
C THR B 172 35.39 34.73 5.74
N PHE B 173 36.56 34.56 6.35
CA PHE B 173 37.46 35.68 6.56
C PHE B 173 38.10 36.18 5.25
N VAL B 174 38.35 35.23 4.33
CA VAL B 174 38.92 35.48 3.02
C VAL B 174 38.24 36.63 2.29
N ASN B 175 39.07 37.55 1.77
CA ASN B 175 38.64 38.90 1.41
C ASN B 175 37.87 39.07 0.09
N ASP B 176 38.08 38.14 -0.84
CA ASP B 176 37.49 38.26 -2.18
C ASP B 176 37.34 36.89 -2.86
N PRO B 177 36.45 36.80 -3.86
CA PRO B 177 36.22 35.54 -4.60
C PRO B 177 37.52 34.90 -5.10
N LEU B 178 38.33 35.67 -5.82
CA LEU B 178 39.61 35.22 -6.37
C LEU B 178 40.54 34.64 -5.31
N SER B 179 40.78 35.36 -4.22
CA SER B 179 41.58 34.83 -3.12
C SER B 179 41.06 33.46 -2.71
N MET B 180 39.73 33.34 -2.62
CA MET B 180 39.09 32.09 -2.25
C MET B 180 39.33 31.01 -3.29
N LEU B 181 39.04 31.33 -4.56
CA LEU B 181 39.31 30.42 -5.67
C LEU B 181 40.73 29.85 -5.62
N VAL B 182 41.69 30.71 -5.26
CA VAL B 182 43.07 30.28 -5.09
C VAL B 182 43.13 29.22 -3.98
N VAL B 183 42.75 29.60 -2.76
CA VAL B 183 42.74 28.65 -1.65
C VAL B 183 41.93 27.40 -1.98
N ILE B 184 40.73 27.60 -2.50
CA ILE B 184 39.89 26.51 -2.99
C ILE B 184 40.73 25.54 -3.82
N LYS B 185 41.44 26.06 -4.83
CA LYS B 185 42.19 25.23 -5.78
C LYS B 185 43.41 24.57 -5.17
N TYR B 186 44.06 25.23 -4.21
CA TYR B 186 45.12 24.61 -3.42
C TYR B 186 44.58 23.47 -2.57
N ILE B 187 43.36 23.66 -2.05
CA ILE B 187 42.64 22.63 -1.29
C ILE B 187 42.39 21.42 -2.20
N GLU B 188 41.83 21.66 -3.39
CA GLU B 188 41.61 20.63 -4.40
C GLU B 188 42.88 19.82 -4.62
N GLU B 189 43.96 20.54 -4.87
CA GLU B 189 45.23 19.93 -5.26
C GLU B 189 45.90 19.16 -4.12
N LEU B 190 45.68 19.60 -2.88
CA LEU B 190 46.15 18.88 -1.71
C LEU B 190 45.54 17.48 -1.60
N MET B 191 44.36 17.33 -2.21
CA MET B 191 43.57 16.10 -2.12
C MET B 191 43.89 15.07 -3.22
N LYS B 192 44.70 15.46 -4.20
CA LYS B 192 45.12 14.59 -5.31
C LYS B 192 46.46 13.93 -5.04
N ILE B 206 38.64 13.54 -8.76
CA ILE B 206 38.29 13.06 -7.42
C ILE B 206 37.51 14.11 -6.60
N ILE B 207 37.67 15.39 -6.95
CA ILE B 207 36.99 16.49 -6.24
C ILE B 207 37.04 17.79 -7.05
N ASP B 208 35.88 18.41 -7.24
CA ASP B 208 35.80 19.73 -7.89
C ASP B 208 34.98 20.75 -7.06
N ILE B 209 35.70 21.71 -6.50
CA ILE B 209 35.13 22.72 -5.63
C ILE B 209 34.97 24.06 -6.36
N ASP B 210 33.75 24.56 -6.42
CA ASP B 210 33.47 25.81 -7.10
C ASP B 210 32.79 26.82 -6.18
N ILE B 211 33.00 28.10 -6.48
CA ILE B 211 32.25 29.17 -5.83
C ILE B 211 30.95 29.33 -6.60
N LEU B 212 29.84 29.36 -5.88
CA LEU B 212 28.54 29.60 -6.50
C LEU B 212 28.09 31.04 -6.29
N PHE B 213 28.32 31.54 -5.09
CA PHE B 213 28.00 32.92 -4.78
C PHE B 213 29.08 33.50 -3.89
N PHE B 214 29.14 34.83 -3.83
CA PHE B 214 30.00 35.55 -2.91
C PHE B 214 29.32 36.88 -2.67
N ASN B 215 28.68 37.02 -1.52
CA ASN B 215 27.82 38.17 -1.23
C ASN B 215 26.89 38.44 -2.43
N ASP B 216 26.49 39.69 -2.67
CA ASP B 216 25.65 39.98 -3.86
C ASP B 216 26.45 40.12 -5.17
N PHE B 217 27.78 39.98 -5.07
CA PHE B 217 28.70 40.36 -6.14
C PHE B 217 28.42 39.76 -7.50
N THR B 218 28.27 40.63 -8.48
CA THR B 218 28.12 40.25 -9.88
C THR B 218 29.47 40.47 -10.57
N ILE B 219 30.34 39.46 -10.49
CA ILE B 219 31.69 39.55 -11.01
C ILE B 219 31.92 38.64 -12.21
N PHE B 220 32.37 39.24 -13.31
CA PHE B 220 32.89 38.49 -14.46
C PHE B 220 34.28 39.04 -14.83
N MET B 221 35.27 38.15 -14.82
CA MET B 221 36.63 38.51 -15.22
C MET B 221 37.08 37.56 -16.33
N LYS B 222 37.42 38.13 -17.49
CA LYS B 222 37.60 37.38 -18.75
C LYS B 222 38.93 36.65 -18.90
N ASN B 223 40.02 37.34 -18.60
CA ASN B 223 41.34 36.73 -18.72
C ASN B 223 42.17 36.96 -17.46
N ILE B 224 42.59 35.86 -16.85
CA ILE B 224 43.29 35.92 -15.58
C ILE B 224 44.58 35.09 -15.65
N LYS B 225 45.66 35.68 -15.15
CA LYS B 225 46.87 34.95 -14.86
C LYS B 225 47.57 35.62 -13.69
N LEU B 226 48.28 34.83 -12.89
CA LEU B 226 48.92 35.33 -11.69
C LEU B 226 50.28 34.65 -11.50
N GLU B 227 51.21 35.39 -10.90
CA GLU B 227 52.60 34.95 -10.74
C GLU B 227 52.74 33.82 -9.71
N LYS B 228 53.79 33.02 -9.86
CA LYS B 228 54.05 31.88 -8.98
C LYS B 228 54.37 32.26 -7.52
N ASN B 229 55.05 33.39 -7.33
CA ASN B 229 55.27 33.93 -5.98
C ASN B 229 54.05 34.71 -5.49
N MET B 230 53.28 35.29 -6.42
CA MET B 230 52.03 36.00 -6.12
C MET B 230 51.00 35.07 -5.46
N ILE B 231 50.93 33.84 -5.97
CA ILE B 231 50.10 32.77 -5.41
C ILE B 231 50.55 32.38 -4.00
N TYR B 232 51.86 32.17 -3.81
CA TYR B 232 52.45 31.88 -2.51
C TYR B 232 52.07 32.94 -1.48
N LYS B 233 52.07 34.22 -1.90
CA LYS B 233 51.78 35.35 -1.02
C LYS B 233 50.38 35.29 -0.40
N ILE B 234 49.38 34.94 -1.22
CA ILE B 234 48.00 34.75 -0.76
C ILE B 234 47.90 33.50 0.11
N LEU B 235 48.36 32.38 -0.42
CA LEU B 235 48.42 31.14 0.34
C LEU B 235 49.20 31.27 1.65
N SER B 236 49.92 32.38 1.81
CA SER B 236 50.60 32.68 3.07
C SER B 236 49.85 33.69 3.92
N LYS B 237 48.92 34.42 3.30
CA LYS B 237 48.03 35.34 4.02
C LYS B 237 47.03 34.57 4.88
N TYR B 238 46.76 33.32 4.50
CA TYR B 238 45.80 32.44 5.17
C TYR B 238 46.41 31.14 5.75
N ILE B 239 47.58 30.75 5.28
CA ILE B 239 48.20 29.49 5.72
C ILE B 239 49.69 29.62 6.10
N HIS B 240 50.06 28.95 7.20
CA HIS B 240 51.45 28.83 7.67
C HIS B 240 52.22 27.80 6.88
N LEU B 241 52.86 28.23 5.79
CA LEU B 241 53.58 27.33 4.88
C LEU B 241 55.08 27.19 5.22
N GLN B 303 55.01 20.78 -3.47
CA GLN B 303 55.59 21.80 -4.33
C GLN B 303 55.18 21.61 -5.79
N GLU B 304 55.39 20.41 -6.30
CA GLU B 304 54.99 20.03 -7.67
C GLU B 304 53.48 19.97 -7.84
N ILE B 305 52.77 20.63 -6.93
CA ILE B 305 51.30 20.67 -6.91
C ILE B 305 50.83 22.14 -6.74
N ILE B 306 51.75 23.01 -6.31
CA ILE B 306 51.49 24.45 -6.21
C ILE B 306 51.40 25.09 -7.60
N ASN B 307 52.52 25.05 -8.32
CA ASN B 307 52.68 25.50 -9.70
C ASN B 307 51.52 25.24 -10.67
N ASN B 308 50.87 24.09 -10.52
CA ASN B 308 49.82 23.61 -11.43
C ASN B 308 48.66 24.57 -11.61
N MET B 309 48.33 25.30 -10.54
CA MET B 309 47.21 26.23 -10.48
C MET B 309 47.26 27.36 -11.51
N VAL B 310 48.47 27.69 -11.99
CA VAL B 310 48.65 28.82 -12.91
C VAL B 310 48.13 28.56 -14.33
N ASP B 311 48.28 27.31 -14.82
CA ASP B 311 47.71 26.88 -16.11
C ASP B 311 46.17 26.83 -16.06
N ASN B 312 45.64 26.54 -14.87
CA ASN B 312 44.22 26.75 -14.57
C ASN B 312 44.00 28.23 -14.23
N ILE B 313 42.98 28.53 -13.43
CA ILE B 313 42.67 29.92 -13.07
C ILE B 313 42.64 30.83 -14.32
N GLU B 314 41.90 30.40 -15.34
CA GLU B 314 41.82 31.16 -16.58
C GLU B 314 40.85 32.34 -16.48
N PHE B 315 39.79 32.19 -15.68
CA PHE B 315 38.83 33.28 -15.42
C PHE B 315 38.07 33.13 -14.07
N LEU B 316 37.13 34.04 -13.80
CA LEU B 316 36.33 34.01 -12.56
C LEU B 316 34.91 34.54 -12.75
N SER B 317 33.93 33.65 -12.61
CA SER B 317 32.52 34.03 -12.69
C SER B 317 31.77 33.84 -11.37
N ILE B 318 31.25 34.95 -10.84
CA ILE B 318 30.37 34.94 -9.68
C ILE B 318 29.13 35.77 -10.03
N PRO B 319 27.93 35.14 -9.99
CA PRO B 319 27.70 33.72 -9.72
C PRO B 319 28.40 32.81 -10.72
N HIS B 320 28.71 31.59 -10.30
CA HIS B 320 29.24 30.57 -11.21
C HIS B 320 28.34 30.45 -12.41
N VAL B 321 28.93 30.18 -13.58
CA VAL B 321 28.20 30.17 -14.84
C VAL B 321 26.98 29.24 -14.81
N TYR B 322 27.20 27.96 -14.48
CA TYR B 322 26.15 26.94 -14.61
C TYR B 322 25.15 26.84 -13.46
N THR B 323 25.26 27.76 -12.49
CA THR B 323 24.38 27.84 -11.31
C THR B 323 22.91 27.55 -11.62
N THR B 324 22.35 28.30 -12.56
CA THR B 324 20.95 28.14 -12.95
C THR B 324 20.74 26.95 -13.89
N HIS B 325 21.84 26.41 -14.41
CA HIS B 325 21.75 25.48 -15.55
C HIS B 325 21.81 24.03 -15.19
N ARG B 326 22.78 23.62 -14.36
CA ARG B 326 22.83 22.21 -13.96
C ARG B 326 21.86 21.92 -12.81
N TYR B 327 20.98 20.93 -13.02
CA TYR B 327 19.93 20.56 -12.07
C TYR B 327 20.48 20.23 -10.68
N SER B 328 21.55 19.44 -10.64
CA SER B 328 22.17 19.01 -9.38
C SER B 328 22.55 20.18 -8.47
N ILE B 329 22.95 21.30 -9.07
CA ILE B 329 23.27 22.52 -8.32
C ILE B 329 21.99 23.07 -7.69
N LEU B 330 21.01 23.36 -8.54
CA LEU B 330 19.72 23.91 -8.11
C LEU B 330 19.00 23.04 -7.08
N LEU B 331 19.34 21.75 -7.04
CA LEU B 331 18.80 20.79 -6.08
C LEU B 331 19.42 21.01 -4.70
N CYS B 332 20.74 21.13 -4.66
CA CYS B 332 21.46 21.39 -3.42
C CYS B 332 21.12 22.77 -2.82
N LEU B 333 21.10 23.79 -3.67
CA LEU B 333 20.76 25.15 -3.23
C LEU B 333 19.32 25.24 -2.70
N ASN B 334 18.44 24.36 -3.20
CA ASN B 334 17.06 24.31 -2.72
C ASN B 334 16.98 23.75 -1.29
N ASP B 335 17.99 22.99 -0.88
CA ASP B 335 18.08 22.54 0.49
C ASP B 335 18.44 23.67 1.44
N MET B 336 19.27 24.59 0.96
CA MET B 336 19.92 25.56 1.83
C MET B 336 19.23 26.90 1.81
N ILE B 337 19.17 27.50 0.62
CA ILE B 337 18.79 28.91 0.50
C ILE B 337 17.66 29.15 -0.50
N PRO B 338 16.53 28.43 -0.36
CA PRO B 338 15.50 28.48 -1.38
C PRO B 338 14.85 29.86 -1.59
N GLU B 339 14.95 30.75 -0.60
CA GLU B 339 14.31 32.06 -0.72
C GLU B 339 15.23 33.10 -1.36
N TYR B 340 16.45 32.67 -1.69
CA TYR B 340 17.46 33.55 -2.29
C TYR B 340 17.09 34.01 -3.70
N LYS B 341 17.22 35.31 -3.93
CA LYS B 341 17.10 35.89 -5.26
C LYS B 341 18.31 36.77 -5.48
N HIS B 342 19.24 36.29 -6.30
CA HIS B 342 20.36 37.09 -6.76
C HIS B 342 19.90 38.06 -7.83
N ASN B 343 20.54 39.23 -7.88
CA ASN B 343 20.25 40.25 -8.88
C ASN B 343 20.25 39.72 -10.32
N VAL B 344 21.23 38.87 -10.63
CA VAL B 344 21.33 38.17 -11.91
C VAL B 344 20.05 37.37 -12.23
N LEU B 345 19.56 36.63 -11.24
CA LEU B 345 18.50 35.63 -11.46
C LEU B 345 17.10 36.23 -11.52
N ASN B 346 16.30 35.68 -12.43
CA ASN B 346 14.95 36.16 -12.66
C ASN B 346 13.97 35.75 -11.57
N ASN B 347 14.35 34.75 -10.77
CA ASN B 347 13.48 34.21 -9.74
C ASN B 347 14.26 33.62 -8.56
N THR B 348 13.55 33.28 -7.49
CA THR B 348 14.15 32.63 -6.31
C THR B 348 14.63 31.21 -6.63
N ILE B 349 15.64 30.76 -5.89
CA ILE B 349 16.14 29.39 -6.01
C ILE B 349 15.03 28.34 -6.11
N ARG B 350 13.99 28.47 -5.28
CA ARG B 350 12.87 27.53 -5.25
C ARG B 350 11.93 27.69 -6.45
N CYS B 351 11.66 28.92 -6.87
CA CYS B 351 10.85 29.12 -8.08
C CYS B 351 11.59 28.61 -9.31
N LEU B 352 12.89 28.89 -9.39
CA LEU B 352 13.72 28.32 -10.43
C LEU B 352 13.71 26.81 -10.36
N TYR B 353 13.99 26.25 -9.18
CA TYR B 353 13.98 24.79 -8.98
C TYR B 353 12.65 24.16 -9.36
N ASN B 354 11.55 24.76 -8.92
CA ASN B 354 10.22 24.23 -9.19
C ASN B 354 9.78 24.32 -10.64
N LYS B 355 10.24 25.35 -11.34
CA LYS B 355 9.97 25.48 -12.77
C LYS B 355 10.80 24.48 -13.59
N TYR B 356 12.06 24.30 -13.21
CA TYR B 356 12.92 23.31 -13.85
C TYR B 356 12.29 21.91 -13.82
N VAL B 357 11.77 21.53 -12.64
CA VAL B 357 11.15 20.22 -12.42
C VAL B 357 9.85 20.04 -13.21
N SER B 358 8.98 21.05 -13.20
CA SER B 358 7.71 20.98 -13.91
C SER B 358 7.87 21.15 -15.44
N ARG B 359 9.10 21.38 -15.88
CA ARG B 359 9.42 21.43 -17.30
C ARG B 359 10.02 20.11 -17.79
N MET B 360 11.01 19.59 -17.07
CA MET B 360 11.52 18.23 -17.32
C MET B 360 10.43 17.17 -17.31
N LYS B 361 9.28 17.52 -16.72
CA LYS B 361 8.10 16.67 -16.63
C LYS B 361 7.20 16.87 -17.86
N GLU B 362 6.78 18.11 -18.10
CA GLU B 362 5.84 18.43 -19.18
C GLU B 362 6.46 18.30 -20.59
N GLN B 363 7.76 18.54 -20.69
CA GLN B 363 8.46 18.57 -21.98
C GLN B 363 9.25 17.31 -22.29
N TYR B 364 9.52 16.50 -21.28
CA TYR B 364 10.25 15.24 -21.46
C TYR B 364 9.44 14.02 -21.01
N ASN B 365 8.33 14.27 -20.31
CA ASN B 365 7.51 13.22 -19.70
C ASN B 365 8.34 12.27 -18.83
N ILE B 366 9.25 12.86 -18.06
CA ILE B 366 10.26 12.15 -17.28
C ILE B 366 10.35 12.75 -15.87
N ASN B 367 10.37 11.86 -14.86
CA ASN B 367 10.57 12.25 -13.47
C ASN B 367 12.07 12.37 -13.14
N ILE B 368 12.51 13.62 -12.91
CA ILE B 368 13.93 13.92 -12.68
C ILE B 368 14.51 13.37 -11.36
N LYS B 369 13.65 13.23 -10.35
CA LYS B 369 14.08 12.74 -9.03
C LYS B 369 14.37 11.23 -9.01
N GLU B 370 13.85 10.52 -10.02
CA GLU B 370 14.07 9.07 -10.17
C GLU B 370 15.54 8.75 -10.50
N ASN B 371 16.23 9.71 -11.11
CA ASN B 371 17.60 9.54 -11.56
C ASN B 371 18.59 10.19 -10.60
N ASN B 372 18.16 11.27 -9.97
CA ASN B 372 18.97 12.01 -9.00
C ASN B 372 18.46 11.77 -7.59
N LYS B 373 19.27 11.10 -6.77
CA LYS B 373 18.80 10.51 -5.51
C LYS B 373 19.37 11.14 -4.24
N ARG B 374 18.47 11.63 -3.37
CA ARG B 374 18.87 12.21 -2.07
C ARG B 374 19.53 11.14 -1.18
N ILE B 375 20.60 11.52 -0.50
CA ILE B 375 21.38 10.60 0.33
C ILE B 375 21.49 11.07 1.79
N TYR B 376 21.55 10.09 2.69
CA TYR B 376 21.84 10.31 4.09
C TYR B 376 22.88 9.27 4.48
N VAL B 377 23.54 9.47 5.62
CA VAL B 377 24.72 8.69 5.99
C VAL B 377 24.62 8.33 7.45
N LEU B 378 24.67 7.04 7.73
CA LEU B 378 24.62 6.57 9.08
C LEU B 378 26.00 6.57 9.71
N LYS B 379 26.96 5.96 9.02
CA LYS B 379 28.35 5.95 9.47
C LYS B 379 29.24 6.66 8.46
N ASP B 380 29.53 5.97 7.35
CA ASP B 380 30.49 6.41 6.35
C ASP B 380 30.07 6.01 4.94
N ARG B 381 29.08 5.12 4.85
CA ARG B 381 28.55 4.66 3.56
C ARG B 381 27.31 5.43 3.12
N ILE B 382 27.05 5.40 1.81
CA ILE B 382 25.86 5.98 1.21
C ILE B 382 24.60 5.19 1.59
N SER B 383 23.54 5.90 1.94
CA SER B 383 22.23 5.30 2.10
C SER B 383 21.29 6.15 1.29
N TYR B 384 20.51 5.52 0.42
CA TYR B 384 19.59 6.29 -0.39
C TYR B 384 18.34 6.53 0.41
N LEU B 385 17.94 7.80 0.52
CA LEU B 385 16.74 8.13 1.26
C LEU B 385 15.56 7.35 0.69
N LYS B 386 14.77 6.75 1.57
CA LYS B 386 13.53 6.04 1.26
C LYS B 386 13.66 4.72 0.50
N GLU B 387 14.87 4.19 0.36
CA GLU B 387 15.04 2.96 -0.41
C GLU B 387 15.14 1.70 0.41
N LYS B 388 15.20 1.82 1.73
CA LYS B 388 15.31 0.66 2.60
C LYS B 388 14.89 1.01 4.03
N THR B 389 14.24 0.06 4.69
CA THR B 389 13.87 0.18 6.08
C THR B 389 14.83 -0.65 6.90
N ASN B 390 15.83 0.02 7.46
CA ASN B 390 16.78 -0.63 8.34
C ASN B 390 16.16 -0.98 9.68
N ILE B 391 16.53 -2.14 10.19
CA ILE B 391 16.16 -2.56 11.51
C ILE B 391 17.26 -2.11 12.46
N VAL B 392 16.86 -1.40 13.50
CA VAL B 392 17.76 -0.93 14.50
C VAL B 392 17.37 -1.76 15.70
N GLY B 393 18.25 -2.65 16.16
CA GLY B 393 17.95 -3.51 17.30
C GLY B 393 18.22 -2.81 18.62
N ILE B 394 17.33 -3.02 19.57
CA ILE B 394 17.43 -2.38 20.86
C ILE B 394 18.30 -3.24 21.78
N LEU B 395 19.34 -2.64 22.34
CA LEU B 395 20.03 -3.27 23.48
C LEU B 395 19.86 -2.40 24.70
N ASN B 396 19.03 -2.87 25.61
CA ASN B 396 18.72 -2.13 26.81
C ASN B 396 19.39 -2.79 28.01
N VAL B 397 20.54 -2.26 28.41
CA VAL B 397 21.39 -2.92 29.42
C VAL B 397 20.82 -2.86 30.84
N ASN B 398 20.41 -4.03 31.34
CA ASN B 398 19.92 -4.18 32.71
C ASN B 398 20.50 -5.39 33.46
N PHE B 408 25.36 -7.88 38.79
CA PHE B 408 23.93 -7.90 38.46
C PHE B 408 23.68 -7.52 36.98
N VAL B 409 24.76 -7.36 36.22
CA VAL B 409 24.71 -7.21 34.76
C VAL B 409 25.87 -7.99 34.12
N GLU B 410 25.58 -9.09 33.42
CA GLU B 410 26.63 -9.81 32.70
C GLU B 410 26.89 -9.12 31.37
N PRO B 411 28.00 -8.37 31.28
CA PRO B 411 28.35 -7.76 30.00
C PRO B 411 28.47 -8.76 28.86
N LYS B 412 28.92 -9.99 29.17
CA LYS B 412 29.02 -11.05 28.16
C LYS B 412 27.66 -11.42 27.55
N ARG B 413 26.64 -11.56 28.39
CA ARG B 413 25.27 -11.74 27.90
C ARG B 413 24.96 -10.65 26.86
N ALA B 414 25.01 -9.39 27.31
CA ALA B 414 24.79 -8.23 26.45
C ALA B 414 25.54 -8.31 25.12
N VAL B 415 26.85 -8.52 25.18
CA VAL B 415 27.66 -8.58 23.95
C VAL B 415 27.27 -9.76 23.06
N GLN B 416 26.74 -10.84 23.65
CA GLN B 416 26.30 -11.98 22.85
C GLN B 416 24.94 -11.70 22.21
N ARG B 417 24.07 -11.04 22.98
CA ARG B 417 22.82 -10.51 22.45
C ARG B 417 23.07 -9.57 21.27
N MET B 418 24.12 -8.75 21.35
CA MET B 418 24.49 -7.91 20.21
C MET B 418 24.76 -8.76 18.98
N PHE B 419 25.51 -9.85 19.15
CA PHE B 419 25.80 -10.77 18.05
C PHE B 419 24.55 -11.48 17.56
N GLU B 420 23.74 -11.97 18.51
CA GLU B 420 22.46 -12.57 18.19
C GLU B 420 21.67 -11.63 17.25
N MET B 421 21.51 -10.37 17.68
CA MET B 421 20.74 -9.39 16.90
C MET B 421 21.34 -9.15 15.52
N ILE B 422 22.66 -9.13 15.43
CA ILE B 422 23.34 -8.99 14.14
C ILE B 422 22.89 -10.12 13.20
N ASN B 423 22.94 -11.34 13.73
CA ASN B 423 22.59 -12.52 12.96
C ASN B 423 21.15 -12.46 12.50
N GLU B 424 20.28 -12.03 13.41
CA GLU B 424 18.84 -11.93 13.19
C GLU B 424 18.44 -10.92 12.11
N GLY B 425 19.30 -9.94 11.84
CA GLY B 425 19.00 -8.98 10.77
C GLY B 425 19.24 -7.50 11.05
N ALA B 426 19.66 -7.15 12.27
CA ALA B 426 19.87 -5.75 12.62
C ALA B 426 21.00 -5.10 11.85
N SER B 427 20.75 -3.95 11.21
CA SER B 427 21.80 -3.16 10.57
C SER B 427 22.43 -2.16 11.54
N VAL B 428 21.72 -1.89 12.65
CA VAL B 428 22.13 -0.93 13.65
C VAL B 428 21.82 -1.51 15.02
N ILE B 429 22.69 -1.22 15.98
CA ILE B 429 22.44 -1.60 17.37
C ILE B 429 22.34 -0.32 18.20
N ASP B 430 21.25 -0.18 18.95
CA ASP B 430 20.99 1.01 19.74
C ASP B 430 21.12 0.63 21.20
N ILE B 431 22.26 1.00 21.78
CA ILE B 431 22.57 0.68 23.17
C ILE B 431 22.21 1.83 24.10
N GLY B 432 21.64 1.49 25.24
CA GLY B 432 21.41 2.44 26.31
C GLY B 432 21.22 1.81 27.67
N GLY B 433 21.62 2.53 28.71
CA GLY B 433 21.20 2.29 30.10
C GLY B 433 20.40 3.49 30.61
N GLU B 434 20.36 4.56 29.78
CA GLU B 434 19.63 5.85 29.97
C GLU B 434 20.52 6.95 30.59
N LYS B 445 23.61 2.48 43.84
CA LYS B 445 23.40 2.89 42.45
C LYS B 445 24.51 2.36 41.53
N ILE B 446 24.23 2.37 40.22
CA ILE B 446 25.24 2.16 39.19
C ILE B 446 24.96 3.09 37.99
N SER B 447 25.98 3.79 37.54
CA SER B 447 25.83 4.82 36.51
C SER B 447 25.61 4.24 35.10
N GLU B 448 25.09 5.07 34.21
CA GLU B 448 24.89 4.65 32.82
C GLU B 448 26.23 4.37 32.17
N ARG B 449 27.22 5.21 32.48
CA ARG B 449 28.56 5.08 31.93
C ARG B 449 29.12 3.67 32.19
N ASP B 450 28.82 3.15 33.37
CA ASP B 450 29.34 1.86 33.79
C ASP B 450 28.51 0.71 33.24
N LEU B 451 27.31 1.02 32.80
CA LEU B 451 26.43 0.02 32.19
C LEU B 451 26.72 -0.19 30.70
N VAL B 452 27.22 0.82 30.01
CA VAL B 452 27.30 0.71 28.55
C VAL B 452 28.72 0.70 27.97
N VAL B 453 29.64 1.45 28.56
CA VAL B 453 31.01 1.54 28.03
C VAL B 453 31.76 0.19 28.09
N PRO B 454 31.65 -0.54 29.22
CA PRO B 454 32.25 -1.87 29.31
C PRO B 454 31.78 -2.74 28.16
N VAL B 455 30.46 -2.81 28.03
CA VAL B 455 29.79 -3.60 27.00
C VAL B 455 30.28 -3.23 25.61
N LEU B 456 30.37 -1.93 25.33
CA LEU B 456 30.82 -1.47 24.01
C LEU B 456 32.28 -1.79 23.76
N GLN B 457 33.07 -1.82 24.83
CA GLN B 457 34.50 -2.14 24.79
C GLN B 457 34.68 -3.64 24.58
N LEU B 458 33.97 -4.43 25.40
CA LEU B 458 33.90 -5.87 25.20
C LEU B 458 33.45 -6.23 23.77
N PHE B 459 32.41 -5.56 23.27
CA PHE B 459 31.96 -5.75 21.90
C PHE B 459 33.04 -5.36 20.91
N GLN B 460 33.66 -4.20 21.12
CA GLN B 460 34.68 -3.71 20.19
C GLN B 460 35.81 -4.72 20.07
N LYS B 461 35.98 -5.51 21.13
CA LYS B 461 37.05 -6.47 21.20
C LYS B 461 36.71 -7.72 20.38
N GLU B 462 35.62 -8.41 20.72
CA GLU B 462 35.22 -9.62 19.99
C GLU B 462 35.11 -9.46 18.50
N TRP B 463 34.86 -8.23 18.06
CA TRP B 463 34.82 -7.93 16.64
C TRP B 463 36.18 -8.01 16.02
N ASN B 464 37.22 -7.78 16.83
CA ASN B 464 38.61 -7.98 16.39
C ASN B 464 39.11 -9.40 16.74
N ASP B 465 38.19 -10.25 17.19
CA ASP B 465 38.44 -11.67 17.44
C ASP B 465 37.62 -12.54 16.49
N ALA B 475 30.27 -6.13 6.98
CA ALA B 475 29.15 -6.67 7.75
C ALA B 475 29.07 -6.13 9.20
N LYS B 476 29.94 -5.17 9.54
CA LYS B 476 29.96 -4.59 10.90
C LYS B 476 28.75 -3.71 11.18
N PRO B 477 28.03 -4.00 12.28
CA PRO B 477 26.83 -3.22 12.60
C PRO B 477 27.18 -1.81 13.05
N ILE B 478 26.44 -0.85 12.54
CA ILE B 478 26.45 0.52 13.04
C ILE B 478 25.95 0.59 14.48
N ILE B 479 26.65 1.37 15.31
CA ILE B 479 26.36 1.46 16.73
C ILE B 479 25.77 2.82 17.11
N SER B 480 24.62 2.76 17.78
CA SER B 480 23.90 3.93 18.19
C SER B 480 23.84 3.95 19.70
N ILE B 481 24.16 5.09 20.31
CA ILE B 481 24.01 5.19 21.76
C ILE B 481 22.81 6.05 22.18
N ASP B 482 21.95 5.48 23.03
CA ASP B 482 20.75 6.16 23.51
C ASP B 482 21.04 6.98 24.75
N THR B 483 21.65 8.12 24.54
CA THR B 483 22.06 8.97 25.64
C THR B 483 21.71 10.44 25.41
N ILE B 484 21.57 11.18 26.50
CA ILE B 484 21.43 12.63 26.45
C ILE B 484 22.60 13.25 27.22
N ASN B 485 23.42 12.35 27.77
CA ASN B 485 24.54 12.67 28.66
C ASN B 485 25.88 12.94 27.93
N TYR B 486 26.37 14.18 28.04
CA TYR B 486 27.55 14.65 27.29
C TYR B 486 28.78 13.80 27.56
N ASN B 487 29.05 13.53 28.83
CA ASN B 487 30.30 12.85 29.19
C ASN B 487 30.33 11.42 28.68
N VAL B 488 29.18 10.75 28.68
CA VAL B 488 29.11 9.36 28.21
C VAL B 488 29.39 9.26 26.69
N PHE B 489 28.84 10.20 25.92
CA PHE B 489 29.06 10.20 24.48
C PHE B 489 30.53 10.50 24.15
N LYS B 490 31.08 11.53 24.80
CA LYS B 490 32.50 11.88 24.68
C LYS B 490 33.40 10.66 24.91
N GLU B 491 33.18 9.96 26.01
CA GLU B 491 33.96 8.77 26.27
C GLU B 491 33.85 7.82 25.07
N CYS B 492 32.61 7.50 24.70
CA CYS B 492 32.35 6.52 23.64
C CYS B 492 32.98 6.96 22.33
N VAL B 493 32.96 8.26 22.08
CA VAL B 493 33.44 8.78 20.81
C VAL B 493 34.97 8.90 20.75
N ASP B 494 35.60 9.10 21.90
CA ASP B 494 37.06 9.19 22.01
C ASP B 494 37.70 7.79 21.87
N ASN B 495 37.07 6.78 22.46
CA ASN B 495 37.48 5.39 22.31
C ASN B 495 36.88 4.68 21.09
N ASP B 496 36.41 5.47 20.11
CA ASP B 496 35.72 4.98 18.90
C ASP B 496 34.74 3.81 19.09
N LEU B 497 33.90 3.87 20.12
CA LEU B 497 32.99 2.78 20.44
C LEU B 497 31.56 2.91 19.83
N VAL B 498 31.26 4.05 19.19
CA VAL B 498 29.91 4.32 18.70
C VAL B 498 29.97 5.15 17.42
N ASP B 499 28.89 5.07 16.61
CA ASP B 499 28.83 5.82 15.36
C ASP B 499 27.78 6.93 15.36
N ILE B 500 26.69 6.71 16.09
CA ILE B 500 25.56 7.64 16.06
C ILE B 500 25.18 7.97 17.48
N LEU B 501 24.85 9.24 17.71
CA LEU B 501 24.17 9.65 18.94
C LEU B 501 22.64 9.61 18.74
N ASN B 502 21.97 8.88 19.63
CA ASN B 502 20.53 8.87 19.70
C ASN B 502 20.09 9.75 20.88
N ASP B 503 19.76 11.00 20.61
CA ASP B 503 19.40 11.99 21.64
C ASP B 503 17.90 12.26 21.78
N ILE B 504 17.26 11.60 22.75
CA ILE B 504 15.79 11.69 22.89
C ILE B 504 15.29 13.06 23.30
N SER B 505 16.18 13.96 23.68
CA SER B 505 15.81 15.32 23.97
C SER B 505 16.05 16.24 22.77
N ALA B 506 16.43 15.63 21.64
CA ALA B 506 16.78 16.35 20.41
C ALA B 506 17.90 17.35 20.69
N CYS B 507 18.83 16.95 21.54
CA CYS B 507 19.97 17.80 21.86
C CYS B 507 19.60 19.09 22.62
N THR B 508 18.53 19.05 23.40
CA THR B 508 18.11 20.24 24.14
C THR B 508 18.46 20.10 25.61
N ASN B 509 18.76 18.88 26.03
CA ASN B 509 19.26 18.68 27.37
C ASN B 509 20.61 19.38 27.53
N ASN B 510 21.44 19.25 26.51
CA ASN B 510 22.75 19.82 26.52
C ASN B 510 23.19 20.09 25.09
N PRO B 511 22.90 21.31 24.59
CA PRO B 511 23.23 21.60 23.21
C PRO B 511 24.72 21.39 22.89
N GLU B 512 25.57 21.46 23.90
CA GLU B 512 27.01 21.28 23.72
C GLU B 512 27.33 19.92 23.11
N ILE B 513 26.42 18.96 23.23
CA ILE B 513 26.67 17.60 22.70
C ILE B 513 26.88 17.66 21.18
N ILE B 514 26.26 18.63 20.53
CA ILE B 514 26.39 18.85 19.11
C ILE B 514 27.86 18.98 18.71
N LYS B 515 28.66 19.59 19.58
CA LYS B 515 30.11 19.71 19.38
C LYS B 515 30.80 18.36 19.22
N LEU B 516 30.36 17.34 19.96
CA LEU B 516 30.95 15.99 19.90
C LEU B 516 30.71 15.21 18.60
N LEU B 517 29.94 15.77 17.67
CA LEU B 517 29.62 15.08 16.42
C LEU B 517 30.61 15.45 15.30
N LYS B 518 31.61 16.25 15.68
CA LYS B 518 32.70 16.68 14.79
C LYS B 518 34.07 16.36 15.38
N LYS B 519 35.03 16.10 14.48
CA LYS B 519 36.44 16.03 14.82
C LYS B 519 37.18 16.70 13.67
N LYS B 520 38.50 16.51 13.61
CA LYS B 520 39.25 16.97 12.46
C LYS B 520 38.71 16.22 11.24
N ASN B 521 38.92 14.89 11.22
CA ASN B 521 38.50 14.10 10.07
C ASN B 521 37.26 13.22 10.30
N LYS B 522 36.56 13.44 11.41
CA LYS B 522 35.38 12.62 11.68
C LYS B 522 34.08 13.39 11.89
N PHE B 523 33.00 12.82 11.35
CA PHE B 523 31.65 13.31 11.54
C PHE B 523 30.81 12.16 12.05
N TYR B 524 29.95 12.42 13.03
CA TYR B 524 28.99 11.42 13.49
C TYR B 524 27.59 11.87 13.19
N SER B 525 26.74 10.90 12.87
CA SER B 525 25.32 11.15 12.61
C SER B 525 24.51 11.17 13.92
N VAL B 526 23.29 11.69 13.83
CA VAL B 526 22.48 11.93 15.02
C VAL B 526 20.97 11.74 14.79
N VAL B 527 20.30 11.12 15.75
CA VAL B 527 18.85 11.01 15.75
C VAL B 527 18.31 12.09 16.71
N LEU B 528 17.50 13.01 16.16
CA LEU B 528 16.77 14.00 16.96
C LEU B 528 15.34 13.53 17.21
N MET B 529 14.96 13.34 18.48
CA MET B 529 13.60 12.89 18.78
C MET B 529 12.80 13.98 19.48
N HIS B 530 11.50 14.10 19.14
CA HIS B 530 10.58 14.96 19.90
C HIS B 530 9.95 14.37 21.15
N LYS B 531 9.90 15.19 22.22
CA LYS B 531 9.21 14.80 23.45
C LYS B 531 8.92 16.03 24.29
N ARG B 532 8.21 15.81 25.40
CA ARG B 532 7.96 16.83 26.38
C ARG B 532 8.07 16.15 27.73
N GLY B 533 8.75 16.82 28.67
CA GLY B 533 8.96 16.32 30.01
C GLY B 533 9.84 15.10 30.10
N ASN B 534 9.65 14.37 31.17
CA ASN B 534 10.44 13.19 31.46
C ASN B 534 9.42 12.11 31.66
N PRO B 535 9.86 10.88 32.00
CA PRO B 535 8.87 9.78 32.10
C PRO B 535 7.86 9.91 33.23
N HIS B 536 8.17 10.68 34.28
CA HIS B 536 7.19 10.95 35.37
C HIS B 536 6.06 11.87 34.91
N THR B 537 6.33 12.80 34.01
CA THR B 537 5.36 13.86 33.69
C THR B 537 4.83 13.85 32.27
N MET B 538 5.55 13.21 31.34
CA MET B 538 5.22 13.24 29.89
C MET B 538 3.79 12.83 29.47
N ASP B 539 3.19 11.85 30.15
CA ASP B 539 1.83 11.41 29.82
C ASP B 539 0.79 12.52 29.98
N GLU B 540 1.14 13.59 30.68
CA GLU B 540 0.14 14.63 30.92
C GLU B 540 0.33 15.90 30.08
N LEU B 541 1.22 15.84 29.08
CA LEU B 541 1.74 17.02 28.41
C LEU B 541 1.44 16.95 26.92
N THR B 542 0.15 16.95 26.66
CA THR B 542 -0.46 16.22 25.58
C THR B 542 -1.29 17.15 24.73
N ASN B 543 -1.32 18.42 25.10
CA ASN B 543 -2.12 19.38 24.35
C ASN B 543 -1.30 20.08 23.27
N TYR B 544 -1.71 19.94 22.01
CA TYR B 544 -0.97 20.51 20.86
C TYR B 544 -1.86 21.41 20.00
N ASP B 545 -1.35 22.56 19.61
CA ASP B 545 -2.05 23.43 18.69
C ASP B 545 -2.29 22.66 17.37
N ASN B 546 -1.21 22.13 16.80
CA ASN B 546 -1.27 21.28 15.64
C ASN B 546 -0.28 20.14 15.78
N LEU B 547 -0.77 19.00 16.26
CA LEU B 547 0.08 17.87 16.60
C LEU B 547 1.15 17.59 15.54
N VAL B 548 0.72 17.30 14.32
CA VAL B 548 1.61 16.87 13.26
C VAL B 548 2.66 17.91 12.89
N TYR B 549 2.23 19.14 12.68
CA TYR B 549 3.11 20.21 12.21
C TYR B 549 3.97 20.85 13.29
N ASP B 550 3.44 20.91 14.54
CA ASP B 550 4.25 21.35 15.68
C ASP B 550 5.48 20.45 15.81
N ILE B 551 5.27 19.14 15.81
CA ILE B 551 6.38 18.22 15.95
C ILE B 551 7.35 18.30 14.78
N LYS B 552 6.82 18.44 13.57
CA LYS B 552 7.68 18.53 12.39
C LYS B 552 8.51 19.81 12.42
N ASN B 553 7.86 20.96 12.68
CA ASN B 553 8.55 22.23 12.81
C ASN B 553 9.62 22.20 13.90
N TYR B 554 9.25 21.66 15.07
CA TYR B 554 10.21 21.44 16.16
C TYR B 554 11.48 20.80 15.63
N LEU B 555 11.32 19.67 14.94
CA LEU B 555 12.49 18.92 14.43
C LEU B 555 13.23 19.65 13.31
N GLU B 556 12.46 20.33 12.47
CA GLU B 556 13.05 21.18 11.46
C GLU B 556 13.93 22.29 12.06
N GLN B 557 13.45 22.98 13.10
CA GLN B 557 14.27 23.98 13.82
C GLN B 557 15.51 23.36 14.48
N ARG B 558 15.40 22.21 15.12
CA ARG B 558 16.61 21.56 15.61
C ARG B 558 17.58 21.30 14.45
N LEU B 559 17.09 20.77 13.34
CA LEU B 559 17.98 20.49 12.22
C LEU B 559 18.69 21.76 11.84
N ASN B 560 17.93 22.84 11.57
CA ASN B 560 18.53 24.13 11.28
C ASN B 560 19.60 24.52 12.30
N PHE B 561 19.36 24.24 13.58
CA PHE B 561 20.32 24.64 14.59
C PHE B 561 21.64 23.88 14.42
N LEU B 562 21.56 22.56 14.24
CA LEU B 562 22.76 21.73 14.04
C LEU B 562 23.48 22.11 12.75
N VAL B 563 22.69 22.43 11.73
CA VAL B 563 23.23 22.75 10.43
C VAL B 563 23.96 24.08 10.49
N LEU B 564 23.27 25.11 10.99
CA LEU B 564 23.91 26.40 11.29
C LEU B 564 25.23 26.24 12.08
N ASN B 565 25.42 25.09 12.72
CA ASN B 565 26.66 24.83 13.45
C ASN B 565 27.56 23.75 12.82
N GLY B 566 27.38 23.55 11.52
CA GLY B 566 28.28 22.70 10.74
C GLY B 566 28.09 21.21 10.93
N ILE B 567 26.92 20.80 11.40
CA ILE B 567 26.54 19.39 11.28
C ILE B 567 25.99 19.21 9.85
N PRO B 568 26.53 18.23 9.11
CA PRO B 568 26.05 18.02 7.75
C PRO B 568 24.58 17.60 7.77
N ARG B 569 23.79 18.32 7.00
CA ARG B 569 22.38 18.08 6.90
C ARG B 569 22.08 16.60 6.77
N TYR B 570 22.77 15.95 5.84
CA TYR B 570 22.56 14.54 5.54
C TYR B 570 22.87 13.56 6.67
N ARG B 571 23.29 14.05 7.84
CA ARG B 571 23.60 13.13 8.97
C ARG B 571 22.56 13.19 10.10
N ILE B 572 21.54 14.01 9.89
CA ILE B 572 20.56 14.32 10.89
C ILE B 572 19.29 13.51 10.58
N LEU B 573 18.90 12.66 11.54
CA LEU B 573 17.69 11.82 11.46
C LEU B 573 16.56 12.30 12.39
N PHE B 574 15.33 12.31 11.85
CA PHE B 574 14.14 12.75 12.55
C PHE B 574 13.42 11.60 13.21
N ASP B 575 12.97 11.84 14.44
CA ASP B 575 12.15 10.90 15.18
C ASP B 575 11.02 11.61 15.88
N ILE B 576 9.80 11.19 15.61
CA ILE B 576 8.62 11.84 16.16
C ILE B 576 8.36 11.52 17.63
N GLY B 577 9.06 10.53 18.17
CA GLY B 577 8.88 10.13 19.55
C GLY B 577 7.50 9.58 19.89
N LEU B 578 7.17 8.42 19.32
CA LEU B 578 5.90 7.78 19.64
C LEU B 578 5.87 7.45 21.14
N GLY B 579 4.75 7.72 21.79
CA GLY B 579 4.63 7.44 23.23
C GLY B 579 5.23 8.48 24.19
N PHE B 580 5.98 9.45 23.67
CA PHE B 580 6.56 10.49 24.53
C PHE B 580 5.72 11.77 24.50
N ALA B 581 4.83 11.93 25.47
CA ALA B 581 3.92 13.08 25.52
C ALA B 581 2.95 13.04 24.36
N LYS B 582 2.47 11.85 24.05
CA LYS B 582 1.36 11.69 23.12
C LYS B 582 0.37 10.70 23.72
N LYS B 583 -0.92 11.06 23.70
CA LYS B 583 -1.97 10.06 23.92
C LYS B 583 -1.85 9.01 22.82
N HIS B 584 -2.48 7.86 23.06
CA HIS B 584 -2.45 6.79 22.07
C HIS B 584 -3.00 7.17 20.72
N ASP B 585 -4.11 7.88 20.70
CA ASP B 585 -4.66 8.40 19.44
C ASP B 585 -3.69 9.32 18.71
N GLN B 586 -2.82 9.98 19.46
CA GLN B 586 -1.92 10.95 18.87
C GLN B 586 -0.71 10.24 18.29
N SER B 587 -0.26 9.17 18.94
CA SER B 587 0.81 8.35 18.35
C SER B 587 0.33 7.84 17.01
N ILE B 588 -0.87 7.28 16.99
CA ILE B 588 -1.46 6.84 15.76
C ILE B 588 -1.60 7.99 14.76
N LYS B 589 -2.15 9.13 15.19
CA LYS B 589 -2.32 10.24 14.23
C LYS B 589 -0.99 10.61 13.62
N LEU B 590 0.07 10.44 14.42
CA LEU B 590 1.42 10.72 13.96
C LEU B 590 1.85 9.72 12.90
N LEU B 591 1.51 8.45 13.08
CA LEU B 591 1.83 7.45 12.06
C LEU B 591 0.98 7.67 10.82
N GLN B 592 -0.30 7.96 11.02
CA GLN B 592 -1.23 8.24 9.92
C GLN B 592 -0.69 9.32 9.00
N ASN B 593 0.05 10.26 9.59
CA ASN B 593 0.56 11.42 8.85
C ASN B 593 2.04 11.41 8.70
N ILE B 594 2.63 10.23 8.72
CA ILE B 594 4.07 10.09 8.60
C ILE B 594 4.63 10.64 7.26
N HIS B 595 3.78 10.78 6.23
CA HIS B 595 4.22 11.29 4.91
C HIS B 595 4.83 12.67 4.98
N VAL B 596 4.51 13.44 6.02
CA VAL B 596 5.12 14.78 6.14
C VAL B 596 6.68 14.69 6.28
N TYR B 597 7.21 13.49 6.47
CA TYR B 597 8.66 13.25 6.52
C TYR B 597 9.24 12.64 5.22
N ASP B 598 8.50 12.72 4.11
CA ASP B 598 8.94 12.18 2.82
C ASP B 598 10.33 12.68 2.37
N GLU B 599 10.66 13.94 2.69
CA GLU B 599 11.91 14.57 2.24
C GLU B 599 13.10 14.25 3.14
N TYR B 600 12.81 13.67 4.32
CA TYR B 600 13.78 13.64 5.40
C TYR B 600 14.10 12.23 5.80
N PRO B 601 15.31 12.01 6.31
CA PRO B 601 15.62 10.72 6.91
C PRO B 601 14.80 10.55 8.18
N LEU B 602 14.18 9.38 8.34
CA LEU B 602 13.20 9.15 9.40
C LEU B 602 13.51 7.89 10.18
N PHE B 603 13.51 8.01 11.51
CA PHE B 603 13.83 6.93 12.44
C PHE B 603 12.65 6.93 13.43
N ILE B 604 12.00 5.79 13.66
CA ILE B 604 10.87 5.75 14.58
C ILE B 604 10.92 4.54 15.45
N GLY B 605 10.34 4.62 16.64
CA GLY B 605 10.34 3.52 17.58
C GLY B 605 8.95 3.30 18.11
N TYR B 606 8.33 2.18 17.75
CA TYR B 606 6.99 1.86 18.19
C TYR B 606 7.06 0.65 19.09
N SER B 607 8.14 -0.12 18.97
CA SER B 607 8.20 -1.46 19.56
C SER B 607 7.76 -1.54 21.01
N ARG B 608 6.77 -2.38 21.25
CA ARG B 608 6.29 -2.71 22.60
C ARG B 608 5.65 -1.59 23.37
N LYS B 609 5.31 -0.49 22.70
CA LYS B 609 4.79 0.68 23.39
C LYS B 609 3.33 0.51 23.69
N ARG B 610 2.84 1.30 24.63
CA ARG B 610 1.49 1.18 25.11
C ARG B 610 0.44 1.42 24.02
N PHE B 611 0.73 2.30 23.05
CA PHE B 611 -0.28 2.69 22.06
C PHE B 611 -0.67 1.53 21.16
N ILE B 612 0.20 0.53 21.05
CA ILE B 612 -0.09 -0.63 20.24
C ILE B 612 -1.28 -1.37 20.86
N ALA B 613 -1.24 -1.55 22.18
CA ALA B 613 -2.28 -2.27 22.92
C ALA B 613 -3.64 -1.60 22.73
N HIS B 614 -3.61 -0.27 22.69
CA HIS B 614 -4.78 0.56 22.46
C HIS B 614 -5.49 0.25 21.15
N CYS B 615 -4.78 -0.36 20.20
CA CYS B 615 -5.34 -0.68 18.88
C CYS B 615 -6.22 -1.93 18.86
N MET B 616 -6.02 -2.82 19.85
CA MET B 616 -6.66 -4.14 19.89
C MET B 616 -8.06 -4.08 20.47
N ASN B 617 -8.94 -4.95 19.95
CA ASN B 617 -10.33 -5.09 20.41
C ASN B 617 -10.51 -6.26 21.40
N ASP B 657 -1.60 -15.66 32.69
CA ASP B 657 -1.53 -16.07 31.29
C ASP B 657 -2.04 -14.99 30.35
N LYS B 658 -2.93 -14.13 30.85
CA LYS B 658 -3.40 -12.96 30.13
C LYS B 658 -2.23 -12.03 29.75
N ASP B 659 -1.29 -11.87 30.69
CA ASP B 659 -0.09 -11.03 30.50
C ASP B 659 0.84 -11.56 29.41
N GLN B 660 0.81 -12.88 29.19
CA GLN B 660 1.56 -13.50 28.10
C GLN B 660 0.91 -13.26 26.74
N LEU B 661 -0.42 -13.18 26.73
CA LEU B 661 -1.16 -12.93 25.51
C LEU B 661 -0.91 -11.51 25.04
N LEU B 662 -1.01 -10.56 25.96
CA LEU B 662 -0.82 -9.16 25.64
C LEU B 662 0.57 -8.92 25.08
N TYR B 663 1.55 -9.67 25.54
CA TYR B 663 2.89 -9.57 25.00
C TYR B 663 3.09 -10.27 23.68
N GLN B 664 2.23 -11.25 23.40
CA GLN B 664 2.18 -11.85 22.07
C GLN B 664 1.48 -10.84 21.15
N LYS B 665 0.30 -10.36 21.57
CA LYS B 665 -0.46 -9.35 20.85
C LYS B 665 0.35 -8.08 20.57
N ASN B 666 1.15 -7.67 21.55
CA ASN B 666 1.87 -6.43 21.45
C ASN B 666 3.04 -6.54 20.45
N ILE B 667 3.68 -7.69 20.39
CA ILE B 667 4.74 -7.90 19.42
C ILE B 667 4.16 -8.02 18.01
N CYS B 668 3.03 -8.70 17.88
CA CYS B 668 2.38 -8.86 16.59
C CYS B 668 1.82 -7.52 16.07
N GLY B 669 1.25 -6.72 16.97
CA GLY B 669 0.85 -5.37 16.64
C GLY B 669 2.01 -4.56 16.06
N GLY B 670 3.20 -4.71 16.65
CA GLY B 670 4.38 -4.02 16.18
C GLY B 670 4.72 -4.46 14.78
N LEU B 671 4.51 -5.75 14.51
CA LEU B 671 4.78 -6.31 13.18
C LEU B 671 3.94 -5.65 12.11
N ALA B 672 2.70 -5.30 12.46
CA ALA B 672 1.86 -4.49 11.58
C ALA B 672 2.48 -3.09 11.32
N ILE B 673 3.12 -2.51 12.32
CA ILE B 673 3.66 -1.18 12.14
C ILE B 673 4.93 -1.25 11.30
N ALA B 674 5.62 -2.39 11.36
CA ALA B 674 6.80 -2.60 10.53
C ALA B 674 6.38 -2.69 9.07
N SER B 675 5.23 -3.34 8.85
CA SER B 675 4.64 -3.42 7.52
C SER B 675 4.26 -2.06 7.01
N TYR B 676 3.55 -1.30 7.84
CA TYR B 676 3.16 0.05 7.52
C TYR B 676 4.40 0.87 7.23
N SER B 677 5.39 0.78 8.10
CA SER B 677 6.65 1.49 7.92
C SER B 677 7.33 1.16 6.62
N TYR B 678 7.39 -0.13 6.29
CA TYR B 678 7.95 -0.59 5.01
C TYR B 678 7.25 0.09 3.84
N TYR B 679 5.91 0.15 3.88
CA TYR B 679 5.16 0.78 2.78
C TYR B 679 5.31 2.26 2.74
N LYS B 680 5.47 2.89 3.90
CA LYS B 680 5.67 4.32 3.99
C LYS B 680 7.15 4.69 3.79
N LYS B 681 8.00 3.66 3.65
CA LYS B 681 9.40 3.84 3.34
C LYS B 681 10.18 4.51 4.46
N VAL B 682 9.80 4.22 5.69
CA VAL B 682 10.48 4.73 6.88
C VAL B 682 11.91 4.21 6.84
N ASP B 683 12.87 5.11 6.95
CA ASP B 683 14.28 4.72 6.85
C ASP B 683 14.79 3.80 7.98
N LEU B 684 14.47 4.09 9.25
CA LEU B 684 14.88 3.18 10.32
C LEU B 684 13.75 2.93 11.30
N ILE B 685 13.68 1.69 11.78
CA ILE B 685 12.72 1.32 12.80
C ILE B 685 13.49 0.65 13.93
N ARG B 686 13.23 1.11 15.14
CA ARG B 686 13.99 0.71 16.29
C ARG B 686 13.15 -0.30 17.02
N VAL B 687 13.54 -1.57 17.00
CA VAL B 687 12.69 -2.64 17.50
C VAL B 687 13.37 -3.56 18.52
N HIS B 688 12.56 -4.19 19.39
CA HIS B 688 13.04 -5.25 20.28
C HIS B 688 13.25 -6.54 19.52
N ASP B 689 12.21 -7.05 18.89
CA ASP B 689 12.18 -8.33 18.19
C ASP B 689 12.75 -8.30 16.75
N VAL B 690 14.05 -8.52 16.63
CA VAL B 690 14.73 -8.43 15.35
C VAL B 690 14.36 -9.56 14.39
N LEU B 691 14.48 -10.81 14.85
CA LEU B 691 14.12 -11.97 14.04
C LEU B 691 12.78 -11.74 13.33
N GLU B 692 11.74 -11.55 14.14
CA GLU B 692 10.39 -11.28 13.69
C GLU B 692 10.28 -10.17 12.65
N THR B 693 10.85 -9.01 12.95
CA THR B 693 10.78 -7.84 12.06
C THR B 693 11.50 -8.11 10.73
N LYS B 694 12.64 -8.78 10.80
CA LYS B 694 13.39 -9.15 9.61
C LYS B 694 12.59 -10.12 8.71
N SER B 695 11.84 -11.04 9.32
CA SER B 695 11.01 -11.99 8.57
C SER B 695 9.98 -11.22 7.77
N VAL B 696 9.23 -10.36 8.48
CA VAL B 696 8.23 -9.51 7.87
C VAL B 696 8.82 -8.68 6.72
N LEU B 697 9.93 -8.01 6.95
CA LEU B 697 10.52 -7.16 5.92
C LEU B 697 11.06 -7.94 4.72
N ASP B 698 11.51 -9.17 4.95
CA ASP B 698 11.95 -10.00 3.82
C ASP B 698 10.79 -10.43 2.94
N VAL B 699 9.69 -10.87 3.55
CA VAL B 699 8.52 -11.25 2.76
C VAL B 699 7.99 -10.07 1.94
N LEU B 700 7.88 -8.90 2.56
CA LEU B 700 7.35 -7.72 1.88
C LEU B 700 8.30 -7.26 0.77
N THR B 701 9.60 -7.38 1.00
CA THR B 701 10.56 -7.03 -0.03
C THR B 701 10.44 -8.01 -1.21
N LYS B 702 10.30 -9.31 -0.92
CA LYS B 702 10.10 -10.32 -1.92
C LYS B 702 8.89 -10.02 -2.78
N ILE B 703 7.77 -9.72 -2.13
CA ILE B 703 6.57 -9.43 -2.88
C ILE B 703 6.77 -8.25 -3.85
N ASP B 704 7.60 -7.27 -3.47
CA ASP B 704 7.79 -6.03 -4.25
C ASP B 704 8.81 -6.17 -5.36
N GLN B 705 9.63 -7.21 -5.25
CA GLN B 705 10.71 -7.45 -6.19
C GLN B 705 10.12 -8.07 -7.45
N VAL B 706 9.64 -7.21 -8.34
CA VAL B 706 9.01 -7.67 -9.60
C VAL B 706 10.04 -7.70 -10.73
N LYS B 707 10.22 -8.90 -11.27
CA LYS B 707 11.24 -9.19 -12.28
C LYS B 707 11.03 -8.43 -13.61
N ASP B 708 9.77 -8.30 -14.02
CA ASP B 708 9.42 -7.47 -15.16
C ASP B 708 8.34 -6.47 -14.75
N PRO B 709 8.66 -5.17 -14.70
CA PRO B 709 7.68 -4.14 -14.34
C PRO B 709 6.57 -3.92 -15.39
N ASN B 710 6.68 -4.58 -16.53
CA ASN B 710 5.68 -4.46 -17.59
C ASN B 710 4.73 -5.62 -17.61
N SER B 711 5.17 -6.74 -17.03
CA SER B 711 4.50 -8.03 -17.17
C SER B 711 3.00 -8.02 -16.87
N SER B 712 2.59 -7.32 -15.82
CA SER B 712 1.17 -7.30 -15.48
C SER B 712 0.29 -6.89 -16.67
N SER B 713 0.64 -5.81 -17.38
CA SER B 713 -0.16 -5.42 -18.57
C SER B 713 0.15 -6.20 -19.86
N VAL B 714 1.36 -6.73 -19.97
CA VAL B 714 1.74 -7.57 -21.12
C VAL B 714 0.96 -8.88 -21.03
N ASP B 715 0.88 -9.41 -19.82
CA ASP B 715 0.24 -10.69 -19.55
C ASP B 715 -1.27 -10.55 -19.63
N LYS B 716 -1.79 -9.43 -19.15
CA LYS B 716 -3.19 -9.10 -19.32
C LYS B 716 -3.56 -9.13 -20.81
N LEU B 717 -2.82 -8.40 -21.64
CA LEU B 717 -3.05 -8.37 -23.08
C LEU B 717 -2.94 -9.73 -23.77
N ALA B 718 -1.92 -10.51 -23.42
CA ALA B 718 -1.79 -11.87 -23.99
C ALA B 718 -3.04 -12.70 -23.74
N ALA B 719 -3.61 -12.61 -22.54
CA ALA B 719 -4.83 -13.37 -22.21
C ALA B 719 -6.08 -12.89 -22.96
N ALA B 720 -6.28 -11.57 -23.07
CA ALA B 720 -7.34 -11.05 -23.95
C ALA B 720 -7.15 -11.50 -25.41
N LEU B 721 -5.91 -11.69 -25.85
CA LEU B 721 -5.67 -12.06 -27.23
C LEU B 721 -5.87 -13.55 -27.47
N GLU B 722 -5.71 -14.35 -26.42
CA GLU B 722 -5.77 -15.81 -26.55
C GLU B 722 -6.98 -16.41 -25.87
C1 PE0 C . -5.56 -24.43 1.41
C4 PE0 C . -5.64 -23.16 0.63
O4 PE0 C . -4.61 -22.49 0.38
N2 PE0 C . -6.86 -22.76 0.23
C3 PE0 C . -7.98 -23.45 0.50
N6 PE0 C . -9.14 -22.95 0.05
N1 PE0 C . -7.99 -24.62 1.21
C2 PE0 C . -6.83 -25.14 1.68
N3 PE0 C . -6.77 -26.31 2.38
C6 PE0 C . -5.59 -26.75 2.83
C5 PE0 C . -4.39 -26.08 2.56
N4 PE0 C . -4.38 -24.93 1.87
C1' PHB D . 3.02 -25.89 0.92
O1' PHB D . 3.62 -25.64 1.98
O2' PHB D . 3.50 -25.62 -0.18
C1 PHB D . 1.69 -26.54 0.99
C2 PHB D . 1.18 -26.89 2.24
C3 PHB D . -0.04 -27.51 2.34
C4 PHB D . -0.75 -27.76 1.18
C5 PHB D . -0.27 -27.40 -0.09
C6 PHB D . 0.98 -26.79 -0.18
O4 PHB D . -1.95 -28.36 1.28
PG ATP E . -41.35 0.51 -10.93
O1G ATP E . -41.66 -0.36 -12.11
O2G ATP E . -42.37 1.60 -10.63
O3G ATP E . -39.92 1.02 -10.92
PB ATP E . -42.81 -0.74 -8.84
O1B ATP E . -43.29 0.61 -8.32
O2B ATP E . -42.59 -1.86 -7.84
O3B ATP E . -41.43 -0.48 -9.65
PA ATP E . -44.10 -2.84 -10.27
O1A ATP E . -42.89 -3.38 -11.01
O2A ATP E . -44.55 -3.53 -8.99
O3A ATP E . -43.83 -1.27 -9.98
O5' ATP E . -45.35 -2.80 -11.29
C5' ATP E . -45.29 -3.47 -12.54
C4' ATP E . -46.18 -2.72 -13.51
O4' ATP E . -45.51 -2.46 -14.75
C3' ATP E . -47.39 -3.56 -13.90
O3' ATP E . -48.47 -2.64 -14.15
C2' ATP E . -47.02 -4.21 -15.19
O2' ATP E . -48.23 -4.36 -15.94
C1' ATP E . -46.12 -3.17 -15.83
N9 ATP E . -45.05 -3.77 -16.67
C8 ATP E . -44.85 -3.50 -17.97
N7 ATP E . -43.78 -4.20 -18.45
C5 ATP E . -43.27 -4.92 -17.43
C6 ATP E . -42.13 -5.86 -17.22
N6 ATP E . -41.28 -6.21 -18.22
N1 ATP E . -41.97 -6.39 -16.00
C2 ATP E . -42.78 -6.09 -14.97
N3 ATP E . -43.81 -5.24 -15.08
C4 ATP E . -44.11 -4.63 -16.26
C1 GOL F . -0.93 -27.23 5.97
O1 GOL F . 0.05 -26.18 5.80
C2 GOL F . -2.24 -26.58 6.39
O2 GOL F . -2.53 -25.44 5.58
C3 GOL F . -3.42 -27.52 6.24
O3 GOL F . -4.60 -26.71 6.10
MG MG G . -40.96 -3.06 -10.80
CA CA H . -36.38 -25.57 -11.72
C ACT I . -4.33 -24.58 -15.45
O ACT I . -4.29 -25.46 -14.57
OXT ACT I . -3.57 -24.63 -16.43
CH3 ACT I . -5.31 -23.46 -15.38
C1 PE0 J . 12.63 5.60 21.71
C4 PE0 J . 12.13 6.16 20.44
O4 PE0 J . 10.94 6.00 20.14
N2 PE0 J . 13.00 6.80 19.64
C3 PE0 J . 14.31 6.95 19.98
N6 PE0 J . 15.15 7.61 19.14
N1 PE0 J . 14.82 6.46 21.13
C2 PE0 J . 14.05 5.81 22.02
N3 PE0 J . 14.52 5.31 23.18
C6 PE0 J . 13.71 4.67 24.02
C5 PE0 J . 12.35 4.49 23.74
N4 PE0 J . 11.84 4.95 22.59
C1' PHB K . 5.18 3.80 25.91
O1' PHB K . 4.84 2.60 26.08
O2' PHB K . 4.33 4.69 25.74
C1 PHB K . 6.62 4.17 26.05
C2 PHB K . 7.56 3.17 26.33
C3 PHB K . 8.91 3.53 26.51
C4 PHB K . 9.28 4.88 26.39
C5 PHB K . 8.32 5.87 26.11
C6 PHB K . 6.99 5.51 25.93
O4 PHB K . 10.59 5.25 26.54
PG ATP L . 33.11 21.65 -15.19
O1G ATP L . 33.47 21.54 -16.66
O2G ATP L . 32.85 20.32 -14.52
O3G ATP L . 32.09 22.72 -14.88
PB ATP L . 35.85 21.36 -14.43
O1B ATP L . 35.83 20.36 -13.30
O2B ATP L . 36.17 20.90 -15.83
O3B ATP L . 34.46 22.19 -14.47
PA ATP L . 37.33 22.94 -12.55
O1A ATP L . 38.09 21.79 -11.91
O2A ATP L . 36.08 23.48 -11.86
O3A ATP L . 36.92 22.52 -14.05
O5' ATP L . 38.35 24.18 -12.81
C5' ATP L . 37.99 25.53 -12.50
C4' ATP L . 38.34 26.49 -13.63
O4' ATP L . 37.20 27.29 -13.97
C3' ATP L . 39.46 27.46 -13.22
O3' ATP L . 40.51 27.41 -14.20
C2' ATP L . 38.82 28.84 -13.15
O2' ATP L . 39.57 29.81 -13.90
C1' ATP L . 37.46 28.70 -13.80
N9 ATP L . 36.38 29.37 -13.00
C8 ATP L . 35.67 30.44 -13.43
N7 ATP L . 34.74 30.84 -12.53
C5 ATP L . 34.85 30.02 -11.47
C6 ATP L . 34.16 29.88 -10.16
N6 ATP L . 33.17 30.73 -9.79
N1 ATP L . 34.56 28.89 -9.33
C2 ATP L . 35.55 28.03 -9.68
N3 ATP L . 36.21 28.10 -10.86
C4 ATP L . 35.92 29.05 -11.78
C1 GOL M . 13.47 0.73 25.41
O1 GOL M . 14.22 1.38 24.38
C2 GOL M . 12.01 1.05 25.15
O2 GOL M . 11.81 1.07 23.72
C3 GOL M . 11.12 0.04 25.88
O3 GOL M . 9.75 0.31 25.57
MG MG N . 33.89 22.93 -11.66
CA CA O . 36.48 27.29 10.79
C ACT P . 5.97 21.10 20.88
O ACT P . 6.13 20.14 21.66
OXT ACT P . 4.99 21.86 20.98
CH3 ACT P . 6.97 21.34 19.79
#